data_2JJY
#
_entry.id   2JJY
#
_cell.length_a   96.006
_cell.length_b   99.454
_cell.length_c   111.032
_cell.angle_alpha   90.00
_cell.angle_beta   90.00
_cell.angle_gamma   90.00
#
_symmetry.space_group_name_H-M   'P 21 21 21'
#
loop_
_entity.id
_entity.type
_entity.pdbx_description
1 polymer 'ENOYL-[ACYL-CARRIER-PROTEIN] REDUCTASE'
2 non-polymer NICOTINAMIDE-ADENINE-DINUCLEOTIDE
#
_entity_poly.entity_id   1
_entity_poly.type   'polypeptide(L)'
_entity_poly.pdbx_seq_one_letter_code
;MGFLAGKKILITGLLSNKSIAYGIAKAMHREGAELAFTYVGQFKDRVEKLCAEFNPAAVLPCDVISDQEIKDLFVELGKV
WDGLDAIVHSIAFAPRDQLEGNFIDCVTREGFSIAHDISAYSFAALAKEGRSMMKNRNASMVALTYIGAEKAMPSYNTMG
VAKASLEATVRYTALALGEDGIKVNAVSAGPIKTLAASGISNFKKMLDYNAMVSPLKKNVDIMEVGNTVAFLCSDMATGI
TGEVVHVDAGYHCVSMGNVLLEHHHHHH
;
_entity_poly.pdbx_strand_id   A,B,C,D
#
loop_
_chem_comp.id
_chem_comp.type
_chem_comp.name
_chem_comp.formula
NAD non-polymer NICOTINAMIDE-ADENINE-DINUCLEOTIDE 'C21 H27 N7 O14 P2'
#
# COMPACT_ATOMS: atom_id res chain seq x y z
N GLY A 2 27.16 -9.85 21.47
CA GLY A 2 25.98 -9.07 21.02
C GLY A 2 26.06 -8.71 19.55
N PHE A 3 24.93 -8.76 18.85
CA PHE A 3 24.92 -8.57 17.41
C PHE A 3 25.17 -7.13 17.00
N LEU A 4 25.29 -6.27 17.99
CA LEU A 4 25.54 -4.87 17.77
C LEU A 4 26.89 -4.50 18.42
N ALA A 5 27.72 -5.50 18.69
CA ALA A 5 28.98 -5.31 19.42
C ALA A 5 29.93 -4.34 18.76
N GLY A 6 30.45 -3.39 19.54
CA GLY A 6 31.40 -2.41 19.04
C GLY A 6 30.77 -1.25 18.27
N LYS A 7 29.52 -1.41 17.85
CA LYS A 7 28.84 -0.36 17.11
C LYS A 7 28.59 0.89 17.97
N LYS A 8 28.84 2.06 17.38
CA LYS A 8 28.58 3.34 18.01
C LYS A 8 27.27 3.89 17.45
N ILE A 9 26.24 3.86 18.29
CA ILE A 9 24.91 4.24 17.90
C ILE A 9 24.47 5.43 18.72
N LEU A 10 23.80 6.37 18.08
CA LEU A 10 23.33 7.58 18.72
C LEU A 10 21.82 7.47 18.83
N ILE A 11 21.30 7.71 20.04
CA ILE A 11 19.86 7.64 20.29
C ILE A 11 19.26 8.99 20.62
N THR A 12 18.18 9.32 19.93
CA THR A 12 17.39 10.52 20.24
C THR A 12 16.03 10.18 20.91
N GLY A 13 15.37 11.18 21.46
CA GLY A 13 14.00 11.03 21.95
C GLY A 13 13.86 10.35 23.30
N LEU A 14 14.97 10.15 24.01
CA LEU A 14 14.90 9.53 25.32
C LEU A 14 14.47 10.56 26.35
N LEU A 15 13.25 10.39 26.87
CA LEU A 15 12.71 11.26 27.91
C LEU A 15 12.39 10.56 29.23
N SER A 16 11.86 9.35 29.19
CA SER A 16 11.60 8.65 30.43
C SER A 16 11.82 7.17 30.35
N ASN A 17 11.58 6.53 31.50
CA ASN A 17 11.40 5.10 31.62
C ASN A 17 10.57 4.58 30.49
N LYS A 18 9.43 5.21 30.29
CA LYS A 18 8.43 4.79 29.33
C LYS A 18 8.75 5.11 27.85
N SER A 19 9.70 6.01 27.60
CA SER A 19 10.07 6.38 26.23
C SER A 19 10.39 5.20 25.30
N ILE A 20 9.95 5.29 24.04
CA ILE A 20 10.37 4.29 23.06
C ILE A 20 11.90 4.17 23.01
N ALA A 21 12.60 5.30 22.95
CA ALA A 21 14.07 5.32 22.92
C ALA A 21 14.68 4.45 24.00
N TYR A 22 14.07 4.44 25.19
CA TYR A 22 14.51 3.63 26.32
C TYR A 22 14.56 2.16 25.97
N GLY A 23 13.42 1.63 25.52
CA GLY A 23 13.31 0.27 24.95
C GLY A 23 14.41 0.04 23.94
N ILE A 24 14.51 0.95 22.97
CA ILE A 24 15.61 0.95 22.03
C ILE A 24 16.94 0.80 22.76
N ALA A 25 17.21 1.72 23.69
CA ALA A 25 18.52 1.70 24.31
C ALA A 25 18.71 0.37 25.03
N LYS A 26 17.75 -0.02 25.84
CA LYS A 26 17.87 -1.23 26.63
C LYS A 26 18.29 -2.37 25.71
N ALA A 27 17.61 -2.47 24.57
CA ALA A 27 17.86 -3.53 23.59
C ALA A 27 19.28 -3.38 23.08
N MET A 28 19.60 -2.20 22.57
CA MET A 28 20.91 -1.90 21.96
C MET A 28 22.09 -2.14 22.90
N HIS A 29 21.89 -1.79 24.16
CA HIS A 29 22.91 -2.01 25.21
C HIS A 29 23.22 -3.49 25.49
N ARG A 30 22.15 -4.28 25.54
CA ARG A 30 22.22 -5.71 25.70
C ARG A 30 23.04 -6.29 24.58
N GLU A 31 22.93 -5.73 23.39
CA GLU A 31 23.61 -6.33 22.24
C GLU A 31 24.99 -5.77 22.01
N GLY A 32 25.53 -5.14 23.05
CA GLY A 32 26.90 -4.69 23.02
C GLY A 32 27.13 -3.37 22.30
N ALA A 33 26.07 -2.64 21.96
CA ALA A 33 26.29 -1.31 21.37
C ALA A 33 26.99 -0.37 22.34
N GLU A 34 27.75 0.56 21.80
CA GLU A 34 28.21 1.70 22.57
C GLU A 34 27.30 2.83 22.14
N LEU A 35 26.80 3.60 23.12
CA LEU A 35 25.68 4.51 22.87
C LEU A 35 25.93 5.93 23.29
N ALA A 36 25.37 6.85 22.51
CA ALA A 36 25.33 8.28 22.84
C ALA A 36 23.87 8.74 22.97
N PHE A 37 23.66 9.88 23.64
CA PHE A 37 22.30 10.34 23.88
C PHE A 37 22.11 11.85 23.70
N THR A 38 20.91 12.24 23.28
CA THR A 38 20.59 13.66 23.15
C THR A 38 19.47 14.13 24.07
N TYR A 39 19.47 15.42 24.34
CA TYR A 39 18.41 16.02 25.11
C TYR A 39 18.06 17.37 24.54
N VAL A 40 16.87 17.84 24.86
CA VAL A 40 16.37 19.14 24.41
C VAL A 40 16.02 20.00 25.61
N GLY A 41 16.49 21.25 25.61
CA GLY A 41 16.18 22.21 26.66
C GLY A 41 16.97 22.02 27.93
N GLN A 42 16.27 21.97 29.06
CA GLN A 42 16.89 21.90 30.38
C GLN A 42 16.94 20.49 30.96
N PHE A 43 16.95 19.48 30.10
CA PHE A 43 16.91 18.09 30.55
C PHE A 43 18.29 17.39 30.73
N LYS A 44 19.38 18.14 30.68
CA LYS A 44 20.70 17.52 30.83
C LYS A 44 20.72 16.55 32.00
N ASP A 45 20.20 17.00 33.15
CA ASP A 45 20.20 16.20 34.37
C ASP A 45 19.26 14.99 34.31
N ARG A 46 17.95 15.22 34.18
CA ARG A 46 16.95 14.16 33.97
C ARG A 46 17.47 13.01 33.10
N VAL A 47 17.96 13.36 31.91
CA VAL A 47 18.45 12.44 30.88
C VAL A 47 19.79 11.82 31.22
N GLU A 48 20.69 12.59 31.83
CA GLU A 48 21.97 12.03 32.31
C GLU A 48 21.71 10.96 33.35
N LYS A 49 20.82 11.26 34.29
CA LYS A 49 20.44 10.31 35.33
C LYS A 49 19.65 9.12 34.76
N LEU A 50 18.91 9.33 33.68
CA LEU A 50 18.09 8.29 33.10
C LEU A 50 18.95 7.29 32.35
N CYS A 51 20.00 7.77 31.71
CA CYS A 51 20.74 6.89 30.82
C CYS A 51 22.08 6.41 31.39
N ALA A 52 22.33 6.77 32.66
CA ALA A 52 23.51 6.33 33.40
C ALA A 52 23.69 4.82 33.29
N GLU A 53 22.58 4.10 33.32
CA GLU A 53 22.59 2.64 33.23
C GLU A 53 23.08 2.12 31.89
N PHE A 54 23.22 2.99 30.90
CA PHE A 54 23.65 2.52 29.60
C PHE A 54 25.09 2.92 29.34
N ASN A 55 25.74 3.45 30.37
CA ASN A 55 27.12 3.93 30.29
C ASN A 55 27.38 4.68 28.99
N PRO A 56 26.79 5.86 28.87
CA PRO A 56 26.83 6.55 27.60
C PRO A 56 28.24 7.08 27.30
N ALA A 57 28.57 7.13 26.01
CA ALA A 57 29.82 7.70 25.56
C ALA A 57 29.74 9.22 25.68
N ALA A 58 28.53 9.77 25.52
CA ALA A 58 28.30 11.22 25.65
C ALA A 58 26.81 11.55 25.76
N VAL A 59 26.48 12.66 26.42
CA VAL A 59 25.09 13.12 26.49
C VAL A 59 24.92 14.58 25.98
N LEU A 60 24.30 14.74 24.82
CA LEU A 60 24.50 15.97 24.07
C LEU A 60 23.26 16.78 23.65
N PRO A 61 23.36 18.12 23.78
CA PRO A 61 22.20 18.94 23.52
C PRO A 61 21.92 19.00 22.02
N CYS A 62 20.69 18.68 21.64
CA CYS A 62 20.27 18.84 20.27
C CYS A 62 18.76 19.02 20.17
N ASP A 63 18.35 20.29 20.12
CA ASP A 63 17.01 20.71 19.75
C ASP A 63 17.04 20.83 18.24
N VAL A 64 16.16 20.09 17.57
CA VAL A 64 16.26 19.82 16.12
C VAL A 64 15.69 20.96 15.27
N ILE A 65 15.15 21.94 15.99
CA ILE A 65 14.71 23.25 15.50
C ILE A 65 15.93 23.98 14.94
N SER A 66 17.05 23.91 15.66
CA SER A 66 18.22 24.73 15.38
C SER A 66 19.27 24.04 14.53
N ASP A 67 19.58 24.64 13.38
CA ASP A 67 20.67 24.18 12.51
C ASP A 67 22.02 24.08 13.27
N GLN A 68 22.32 25.12 14.07
CA GLN A 68 23.55 25.17 14.88
C GLN A 68 23.64 24.00 15.87
N GLU A 69 22.52 23.63 16.49
CA GLU A 69 22.57 22.58 17.52
C GLU A 69 22.89 21.20 16.91
N ILE A 70 22.41 21.01 15.68
CA ILE A 70 22.57 19.80 14.93
C ILE A 70 24.01 19.68 14.39
N LYS A 71 24.58 20.80 13.96
CA LYS A 71 25.96 20.80 13.52
C LYS A 71 26.87 20.58 14.75
N ASP A 72 26.66 21.37 15.80
CA ASP A 72 27.45 21.26 17.03
C ASP A 72 27.36 19.85 17.65
N LEU A 73 26.23 19.16 17.42
CA LEU A 73 26.03 17.77 17.91
C LEU A 73 27.17 16.85 17.49
N PHE A 74 27.41 16.82 16.18
CA PHE A 74 28.36 15.94 15.54
C PHE A 74 29.79 16.43 15.72
N VAL A 75 29.99 17.75 15.78
CA VAL A 75 31.32 18.27 16.10
C VAL A 75 31.73 17.68 17.44
N GLU A 76 30.78 17.67 18.37
CA GLU A 76 31.01 17.14 19.71
C GLU A 76 31.15 15.62 19.74
N LEU A 77 30.22 14.96 19.07
CA LEU A 77 30.21 13.52 19.03
C LEU A 77 31.54 13.05 18.46
N GLY A 78 32.02 13.81 17.47
CA GLY A 78 33.26 13.53 16.77
C GLY A 78 34.49 13.69 17.63
N LYS A 79 34.36 14.43 18.73
CA LYS A 79 35.48 14.52 19.64
C LYS A 79 35.72 13.22 20.39
N VAL A 80 34.72 12.33 20.45
CA VAL A 80 34.82 11.13 21.27
C VAL A 80 34.81 9.85 20.45
N TRP A 81 34.24 9.94 19.25
CA TRP A 81 33.95 8.79 18.42
C TRP A 81 34.56 8.93 17.04
N ASP A 82 35.48 8.03 16.73
CA ASP A 82 36.15 7.99 15.42
CA ASP A 82 36.16 8.05 15.43
C ASP A 82 35.18 8.29 14.27
N GLY A 83 34.11 7.48 14.18
CA GLY A 83 33.05 7.61 13.19
C GLY A 83 31.76 7.13 13.84
N LEU A 84 30.69 6.92 13.07
CA LEU A 84 29.39 6.62 13.67
C LEU A 84 28.64 5.54 12.89
N ASP A 85 27.93 4.68 13.61
CA ASP A 85 27.26 3.52 13.00
C ASP A 85 25.75 3.64 12.82
N ALA A 86 25.04 4.15 13.80
CA ALA A 86 23.62 4.25 13.59
C ALA A 86 23.13 5.54 14.15
N ILE A 87 21.96 5.98 13.69
CA ILE A 87 21.25 7.08 14.32
C ILE A 87 19.81 6.63 14.49
N VAL A 88 19.34 6.69 15.73
CA VAL A 88 17.95 6.40 15.99
C VAL A 88 17.16 7.69 16.17
N HIS A 89 16.20 7.90 15.29
CA HIS A 89 15.38 9.08 15.28
C HIS A 89 14.04 8.71 15.87
N SER A 90 13.82 9.15 17.11
CA SER A 90 12.54 9.00 17.81
C SER A 90 11.97 10.39 18.24
N ILE A 91 11.56 11.21 17.26
CA ILE A 91 11.18 12.59 17.59
C ILE A 91 9.89 12.97 16.90
N ALA A 92 8.93 13.45 17.70
CA ALA A 92 7.64 13.85 17.17
C ALA A 92 7.18 15.06 17.91
N PHE A 93 6.79 16.09 17.16
CA PHE A 93 6.00 17.15 17.73
C PHE A 93 4.97 17.75 16.77
N ALA A 94 3.82 18.09 17.34
CA ALA A 94 2.77 18.93 16.75
C ALA A 94 2.21 19.76 17.88
N PRO A 95 2.03 21.08 17.67
CA PRO A 95 1.26 21.88 18.65
C PRO A 95 -0.09 21.27 19.01
N ARG A 96 -0.42 21.24 20.29
CA ARG A 96 -1.70 20.68 20.74
C ARG A 96 -2.88 21.26 19.97
N ASP A 97 -2.79 22.51 19.51
CA ASP A 97 -3.91 23.14 18.79
C ASP A 97 -4.21 22.41 17.46
N GLN A 98 -3.23 21.64 17.01
CA GLN A 98 -3.35 20.77 15.85
C GLN A 98 -4.13 19.47 16.11
N LEU A 99 -4.21 19.07 17.38
CA LEU A 99 -4.61 17.71 17.69
C LEU A 99 -6.02 17.59 18.30
N GLU A 100 -6.79 18.67 18.34
CA GLU A 100 -8.05 18.53 19.04
C GLU A 100 -9.34 18.72 18.21
N GLY A 101 -9.70 17.68 17.46
CA GLY A 101 -11.01 17.66 16.82
C GLY A 101 -10.94 17.56 15.32
N ASN A 102 -11.88 18.21 14.63
CA ASN A 102 -11.91 18.15 13.19
C ASN A 102 -10.62 18.72 12.59
N PHE A 103 -9.94 17.93 11.76
CA PHE A 103 -8.65 18.30 11.16
C PHE A 103 -8.62 19.67 10.45
N ILE A 104 -9.65 19.96 9.68
CA ILE A 104 -9.79 21.25 9.00
C ILE A 104 -10.05 22.40 9.99
N ASP A 105 -10.81 22.14 11.05
CA ASP A 105 -10.97 23.08 12.17
C ASP A 105 -9.63 23.45 12.81
N CYS A 106 -8.77 22.46 13.02
CA CYS A 106 -7.58 22.64 13.80
C CYS A 106 -6.33 23.11 13.04
N VAL A 107 -6.19 22.63 11.80
CA VAL A 107 -4.94 22.81 11.07
C VAL A 107 -4.60 24.27 10.77
N THR A 108 -3.36 24.64 11.07
CA THR A 108 -2.86 25.96 10.69
C THR A 108 -1.55 25.85 9.91
N ARG A 109 -1.28 26.85 9.08
CA ARG A 109 -0.01 26.99 8.38
C ARG A 109 1.20 26.77 9.31
N GLU A 110 1.16 27.41 10.47
CA GLU A 110 2.22 27.39 11.49
C GLU A 110 2.28 25.99 12.09
N GLY A 111 1.12 25.45 12.48
CA GLY A 111 1.04 24.08 13.00
C GLY A 111 1.61 23.02 12.07
N PHE A 112 1.09 22.99 10.84
CA PHE A 112 1.61 22.16 9.76
C PHE A 112 3.13 22.29 9.62
N SER A 113 3.61 23.53 9.72
CA SER A 113 5.02 23.85 9.49
C SER A 113 5.88 23.28 10.57
N ILE A 114 5.57 23.67 11.81
CA ILE A 114 6.28 23.15 12.95
C ILE A 114 6.25 21.61 12.87
N ALA A 115 5.03 21.04 12.81
CA ALA A 115 4.86 19.61 12.79
C ALA A 115 5.88 18.88 11.89
N HIS A 116 5.91 19.27 10.62
CA HIS A 116 6.85 18.73 9.63
C HIS A 116 8.31 19.04 9.91
N ASP A 117 8.60 20.27 10.32
CA ASP A 117 9.93 20.65 10.70
C ASP A 117 10.48 19.68 11.74
N ILE A 118 9.81 19.57 12.89
CA ILE A 118 10.28 18.71 13.95
C ILE A 118 10.18 17.23 13.60
N SER A 119 9.04 16.81 13.07
CA SER A 119 8.74 15.38 12.93
C SER A 119 9.35 14.67 11.71
N ALA A 120 9.73 15.46 10.69
CA ALA A 120 10.14 14.88 9.42
C ALA A 120 11.47 15.46 8.94
N TYR A 121 11.52 16.77 8.73
CA TYR A 121 12.78 17.38 8.28
C TYR A 121 14.03 16.98 9.09
N SER A 122 13.91 17.08 10.42
CA SER A 122 14.97 16.76 11.36
C SER A 122 15.65 15.44 11.05
N PHE A 123 14.89 14.51 10.49
CA PHE A 123 15.47 13.23 10.11
C PHE A 123 16.55 13.47 9.03
N ALA A 124 16.17 14.13 7.94
CA ALA A 124 17.09 14.46 6.86
C ALA A 124 18.20 15.32 7.37
N ALA A 125 17.89 16.20 8.31
CA ALA A 125 18.93 17.06 8.86
C ALA A 125 20.03 16.23 9.54
N LEU A 126 19.65 15.22 10.32
CA LEU A 126 20.61 14.33 10.97
C LEU A 126 21.39 13.54 9.92
N ALA A 127 20.70 13.09 8.89
CA ALA A 127 21.37 12.41 7.80
C ALA A 127 22.43 13.32 7.19
N LYS A 128 22.12 14.60 7.13
CA LYS A 128 22.96 15.57 6.46
C LYS A 128 24.25 15.75 7.23
N GLU A 129 24.14 15.91 8.54
CA GLU A 129 25.29 16.19 9.39
C GLU A 129 25.99 14.93 9.92
N GLY A 130 25.29 13.80 9.85
CA GLY A 130 25.89 12.54 10.30
C GLY A 130 26.60 11.81 9.18
N ARG A 131 26.30 12.22 7.95
CA ARG A 131 26.64 11.45 6.77
C ARG A 131 28.12 11.16 6.74
N SER A 132 28.91 12.22 6.95
CA SER A 132 30.34 12.13 6.89
C SER A 132 30.88 11.14 7.93
N MET A 133 30.26 11.10 9.12
CA MET A 133 30.69 10.20 10.18
C MET A 133 30.27 8.76 9.92
N MET A 134 29.33 8.58 9.00
CA MET A 134 28.76 7.24 8.72
C MET A 134 29.24 6.58 7.44
N LYS A 135 30.17 7.21 6.72
CA LYS A 135 30.68 6.71 5.44
C LYS A 135 31.34 5.32 5.57
N ASN A 136 30.87 4.35 4.78
CA ASN A 136 31.57 3.05 4.58
C ASN A 136 31.70 2.16 5.78
N ARG A 137 30.59 1.83 6.42
CA ARG A 137 30.63 0.88 7.53
C ARG A 137 29.32 0.14 7.75
N ASN A 138 28.57 -0.14 6.69
CA ASN A 138 27.24 -0.75 6.77
C ASN A 138 26.45 -0.08 7.86
N ALA A 139 26.44 1.24 7.79
CA ALA A 139 25.86 2.12 8.77
C ALA A 139 24.36 2.21 8.58
N SER A 140 23.65 2.67 9.59
CA SER A 140 22.21 2.54 9.65
C SER A 140 21.54 3.79 10.23
N MET A 141 20.40 4.16 9.66
CA MET A 141 19.51 5.08 10.32
C MET A 141 18.16 4.42 10.50
N VAL A 142 17.49 4.70 11.61
CA VAL A 142 16.15 4.17 11.81
C VAL A 142 15.24 5.28 12.33
N ALA A 143 14.01 5.33 11.83
CA ALA A 143 13.04 6.30 12.33
C ALA A 143 11.77 5.63 12.84
N LEU A 144 11.07 6.33 13.75
CA LEU A 144 9.87 5.80 14.36
C LEU A 144 8.58 6.42 13.83
N THR A 145 7.62 5.58 13.48
CA THR A 145 6.45 6.11 12.86
C THR A 145 5.22 5.35 13.35
N TYR A 146 4.06 5.64 12.74
CA TYR A 146 2.78 5.18 13.22
C TYR A 146 1.76 5.15 12.07
N ILE A 147 0.80 4.23 12.14
CA ILE A 147 -0.10 3.96 11.01
C ILE A 147 -0.92 5.19 10.55
N GLY A 148 -1.02 6.21 11.39
CA GLY A 148 -1.69 7.44 10.99
C GLY A 148 -1.07 8.11 9.77
N ALA A 149 0.22 7.85 9.54
CA ALA A 149 0.89 8.17 8.29
C ALA A 149 0.13 7.62 7.06
N GLU A 150 -0.40 6.41 7.18
CA GLU A 150 -0.97 5.67 6.07
C GLU A 150 -2.45 5.93 5.88
N LYS A 151 -3.15 6.12 7.01
CA LYS A 151 -4.61 6.16 7.00
C LYS A 151 -5.13 7.25 7.94
N ALA A 152 -6.23 7.89 7.58
CA ALA A 152 -6.70 9.00 8.39
C ALA A 152 -7.44 8.49 9.63
N MET A 153 -7.36 9.28 10.70
CA MET A 153 -7.87 8.93 12.02
C MET A 153 -8.42 10.16 12.68
N PRO A 154 -9.41 9.97 13.56
CA PRO A 154 -9.77 11.14 14.36
C PRO A 154 -8.56 11.57 15.20
N SER A 155 -8.49 12.88 15.43
CA SER A 155 -7.55 13.56 16.38
C SER A 155 -6.07 13.68 16.03
N TYR A 156 -5.50 12.63 15.43
CA TYR A 156 -4.08 12.57 15.11
C TYR A 156 -3.68 13.58 14.02
N ASN A 157 -4.62 13.86 13.12
CA ASN A 157 -4.62 15.10 12.35
C ASN A 157 -3.31 15.45 11.61
N THR A 158 -2.67 16.54 11.99
CA THR A 158 -1.53 16.99 11.23
C THR A 158 -0.31 16.17 11.62
N MET A 159 -0.39 15.48 12.74
CA MET A 159 0.68 14.59 13.10
C MET A 159 0.69 13.43 12.11
N GLY A 160 -0.51 13.08 11.63
CA GLY A 160 -0.69 12.04 10.63
C GLY A 160 0.00 12.40 9.34
N VAL A 161 -0.10 13.68 8.97
CA VAL A 161 0.54 14.17 7.76
C VAL A 161 2.06 14.22 7.92
N ALA A 162 2.52 14.90 8.96
CA ALA A 162 3.96 14.96 9.26
C ALA A 162 4.63 13.57 9.29
N LYS A 163 3.90 12.55 9.75
CA LYS A 163 4.43 11.19 9.66
C LYS A 163 4.47 10.73 8.21
N ALA A 164 3.46 11.04 7.41
CA ALA A 164 3.55 10.59 6.03
C ALA A 164 4.77 11.26 5.47
N SER A 165 4.99 12.52 5.83
CA SER A 165 6.16 13.22 5.31
C SER A 165 7.44 12.58 5.77
N LEU A 166 7.48 12.13 7.03
CA LEU A 166 8.59 11.33 7.56
C LEU A 166 8.90 10.10 6.68
N GLU A 167 7.90 9.23 6.46
CA GLU A 167 8.09 7.99 5.67
C GLU A 167 8.59 8.23 4.25
N ALA A 168 8.15 9.33 3.66
CA ALA A 168 8.58 9.73 2.34
C ALA A 168 10.02 10.17 2.45
N THR A 169 10.32 10.95 3.48
CA THR A 169 11.68 11.35 3.80
C THR A 169 12.59 10.15 3.98
N VAL A 170 12.07 9.12 4.64
CA VAL A 170 12.86 7.94 4.94
C VAL A 170 13.30 7.28 3.63
N ARG A 171 12.37 7.14 2.70
CA ARG A 171 12.63 6.50 1.41
C ARG A 171 13.63 7.29 0.54
N TYR A 172 13.48 8.62 0.48
CA TYR A 172 14.38 9.43 -0.33
C TYR A 172 15.82 9.36 0.18
N THR A 173 15.95 9.38 1.52
CA THR A 173 17.21 9.18 2.20
C THR A 173 17.78 7.79 1.90
N ALA A 174 16.93 6.77 1.85
CA ALA A 174 17.38 5.42 1.49
C ALA A 174 18.11 5.41 0.12
N LEU A 175 17.51 6.07 -0.85
CA LEU A 175 18.09 6.25 -2.17
C LEU A 175 19.36 7.08 -2.15
N ALA A 176 19.39 8.12 -1.30
CA ALA A 176 20.43 9.13 -1.32
C ALA A 176 21.73 8.69 -0.66
N LEU A 177 21.61 7.91 0.41
CA LEU A 177 22.77 7.42 1.13
C LEU A 177 23.10 6.00 0.71
N GLY A 178 22.28 5.48 -0.21
CA GLY A 178 22.42 4.13 -0.74
C GLY A 178 23.84 3.92 -1.18
N GLU A 179 24.29 4.81 -2.08
CA GLU A 179 25.69 4.91 -2.53
C GLU A 179 26.72 4.81 -1.36
N ASP A 180 26.45 5.48 -0.23
CA ASP A 180 27.40 5.47 0.89
C ASP A 180 27.28 4.26 1.82
N GLY A 181 26.70 3.16 1.35
CA GLY A 181 26.46 1.95 2.16
C GLY A 181 25.56 2.07 3.40
N ILE A 182 24.75 3.13 3.45
CA ILE A 182 23.94 3.42 4.62
C ILE A 182 22.50 2.99 4.39
N LYS A 183 22.08 1.97 5.13
CA LYS A 183 20.66 1.54 5.11
C LYS A 183 19.74 2.47 5.96
N VAL A 184 18.57 2.82 5.42
CA VAL A 184 17.67 3.77 6.10
C VAL A 184 16.27 3.20 6.12
N ASN A 185 15.77 2.93 7.33
CA ASN A 185 14.49 2.25 7.53
C ASN A 185 13.67 2.92 8.62
N ALA A 186 12.49 2.36 8.90
CA ALA A 186 11.59 2.93 9.89
C ALA A 186 10.72 1.86 10.50
N VAL A 187 10.41 2.03 11.78
CA VAL A 187 9.48 1.12 12.47
C VAL A 187 8.19 1.86 12.79
N SER A 188 7.06 1.30 12.34
CA SER A 188 5.75 1.78 12.71
C SER A 188 5.30 1.01 13.95
N ALA A 189 5.17 1.72 15.06
CA ALA A 189 4.85 1.07 16.31
C ALA A 189 3.39 1.32 16.64
N GLY A 190 2.70 0.28 17.13
CA GLY A 190 1.33 0.45 17.63
C GLY A 190 1.38 1.29 18.90
N PRO A 191 0.21 1.67 19.44
CA PRO A 191 0.17 2.38 20.73
C PRO A 191 0.79 1.58 21.89
N ILE A 192 1.45 2.27 22.82
CA ILE A 192 2.04 1.66 24.02
C ILE A 192 1.50 2.27 25.35
N LYS A 193 0.89 1.44 26.21
CA LYS A 193 0.26 1.91 27.47
C LYS A 193 0.90 3.17 28.05
N LYS A 205 -7.30 7.89 24.50
CA LYS A 205 -6.25 6.95 24.15
C LYS A 205 -6.81 5.54 23.98
N MET A 206 -6.70 5.02 22.74
CA MET A 206 -7.24 3.70 22.39
C MET A 206 -6.24 2.61 22.06
N LEU A 207 -5.64 2.07 23.12
CA LEU A 207 -4.91 0.82 23.13
C LEU A 207 -5.92 -0.28 22.98
N ASP A 208 -7.02 -0.18 23.72
CA ASP A 208 -8.04 -1.22 23.76
C ASP A 208 -8.41 -1.69 22.37
N TYR A 209 -8.76 -0.76 21.50
CA TYR A 209 -9.13 -1.11 20.14
C TYR A 209 -8.02 -1.87 19.42
N ASN A 210 -6.81 -1.34 19.46
CA ASN A 210 -5.65 -2.06 18.93
C ASN A 210 -5.53 -3.51 19.43
N ALA A 211 -5.81 -3.72 20.71
CA ALA A 211 -5.61 -5.01 21.37
C ALA A 211 -6.73 -5.97 21.06
N MET A 212 -7.86 -5.43 20.64
CA MET A 212 -8.99 -6.25 20.30
C MET A 212 -9.02 -6.65 18.83
N VAL A 213 -8.68 -5.73 17.93
CA VAL A 213 -8.68 -6.07 16.51
C VAL A 213 -7.45 -6.84 16.10
N SER A 214 -6.30 -6.44 16.62
CA SER A 214 -5.04 -7.00 16.12
C SER A 214 -4.98 -8.52 16.33
N PRO A 215 -4.54 -9.26 15.31
CA PRO A 215 -4.39 -10.72 15.32
C PRO A 215 -3.83 -11.32 16.62
N LEU A 216 -2.74 -10.74 17.10
CA LEU A 216 -2.00 -11.22 18.28
C LEU A 216 -2.59 -10.78 19.60
N LYS A 217 -3.69 -10.04 19.50
CA LYS A 217 -4.55 -9.68 20.62
C LYS A 217 -3.89 -8.99 21.80
N LYS A 218 -3.11 -7.96 21.52
CA LYS A 218 -2.40 -7.24 22.54
C LYS A 218 -1.96 -5.85 22.08
N ASN A 219 -1.42 -5.07 23.00
CA ASN A 219 -0.55 -3.97 22.59
C ASN A 219 0.89 -4.47 22.64
N VAL A 220 1.74 -3.88 21.81
CA VAL A 220 3.17 -4.14 21.87
C VAL A 220 3.74 -3.44 23.12
N ASP A 221 5.00 -3.72 23.41
CA ASP A 221 5.73 -3.02 24.46
C ASP A 221 7.02 -2.47 23.90
N ILE A 222 7.74 -1.67 24.69
CA ILE A 222 8.90 -0.97 24.16
C ILE A 222 10.04 -1.89 23.85
N MET A 223 10.16 -3.00 24.58
CA MET A 223 11.14 -4.02 24.18
C MET A 223 10.91 -4.50 22.74
N GLU A 224 9.68 -4.94 22.44
CA GLU A 224 9.30 -5.40 21.13
C GLU A 224 9.64 -4.44 20.00
N VAL A 225 9.61 -3.15 20.31
CA VAL A 225 9.92 -2.15 19.33
C VAL A 225 11.43 -2.00 19.36
N GLY A 226 11.97 -1.90 20.57
CA GLY A 226 13.40 -1.72 20.81
C GLY A 226 14.20 -2.76 20.07
N ASN A 227 13.82 -4.02 20.26
CA ASN A 227 14.46 -5.17 19.64
C ASN A 227 14.56 -5.13 18.11
N THR A 228 13.53 -4.55 17.48
CA THR A 228 13.46 -4.39 16.03
C THR A 228 14.33 -3.21 15.54
N VAL A 229 14.36 -2.12 16.29
CA VAL A 229 15.30 -1.03 15.98
C VAL A 229 16.71 -1.60 16.11
N ALA A 230 16.95 -2.38 17.15
CA ALA A 230 18.22 -3.06 17.29
C ALA A 230 18.55 -3.75 15.97
N PHE A 231 17.76 -4.76 15.63
CA PHE A 231 18.01 -5.57 14.44
C PHE A 231 18.34 -4.74 13.19
N LEU A 232 17.54 -3.69 12.95
CA LEU A 232 17.69 -2.85 11.76
C LEU A 232 18.91 -1.95 11.81
N CYS A 233 19.70 -2.11 12.87
CA CYS A 233 20.97 -1.41 12.99
C CYS A 233 22.12 -2.41 13.00
N SER A 234 21.78 -3.69 12.82
CA SER A 234 22.75 -4.79 12.81
C SER A 234 23.27 -5.12 11.41
N ASP A 235 24.47 -5.70 11.32
CA ASP A 235 24.98 -6.25 10.08
C ASP A 235 24.05 -7.28 9.47
N MET A 236 23.16 -7.88 10.27
CA MET A 236 22.15 -8.79 9.73
C MET A 236 21.07 -8.10 8.87
N ALA A 237 20.88 -6.80 9.06
CA ALA A 237 19.79 -6.06 8.36
C ALA A 237 20.19 -5.37 7.04
N THR A 238 21.45 -5.54 6.64
CA THR A 238 22.08 -4.76 5.56
C THR A 238 21.47 -4.97 4.17
N GLY A 239 20.45 -5.82 4.09
CA GLY A 239 19.71 -5.98 2.84
C GLY A 239 18.42 -5.17 2.85
N ILE A 240 18.11 -4.53 3.98
CA ILE A 240 16.85 -3.83 4.18
C ILE A 240 17.05 -2.31 4.23
N THR A 241 16.45 -1.60 3.28
CA THR A 241 16.43 -0.13 3.29
C THR A 241 15.13 0.44 2.65
N GLY A 242 14.71 1.64 3.08
CA GLY A 242 13.44 2.25 2.63
C GLY A 242 12.20 1.53 3.14
N GLU A 243 12.34 0.80 4.24
CA GLU A 243 11.32 -0.16 4.60
C GLU A 243 10.52 0.35 5.79
N VAL A 244 9.26 -0.06 5.89
CA VAL A 244 8.46 0.25 7.08
C VAL A 244 7.96 -1.05 7.65
N VAL A 245 8.58 -1.42 8.77
CA VAL A 245 8.21 -2.57 9.53
C VAL A 245 7.24 -2.12 10.60
N HIS A 246 6.08 -2.76 10.65
CA HIS A 246 5.11 -2.48 11.70
C HIS A 246 5.38 -3.40 12.88
N VAL A 247 5.75 -2.82 14.02
CA VAL A 247 5.74 -3.58 15.27
C VAL A 247 4.49 -3.20 16.05
N ASP A 248 3.34 -3.78 15.65
CA ASP A 248 2.04 -3.33 16.15
C ASP A 248 1.04 -4.44 16.43
N ALA A 249 1.54 -5.63 16.72
CA ALA A 249 0.73 -6.78 17.06
C ALA A 249 -0.11 -7.27 15.90
N GLY A 250 0.18 -6.77 14.70
CA GLY A 250 -0.52 -7.18 13.47
C GLY A 250 -1.60 -6.22 13.00
N TYR A 251 -1.68 -5.06 13.65
CA TYR A 251 -2.81 -4.16 13.40
C TYR A 251 -2.95 -3.73 11.95
N HIS A 252 -1.82 -3.53 11.28
CA HIS A 252 -1.80 -2.99 9.93
C HIS A 252 -2.54 -3.87 8.94
N CYS A 253 -2.51 -5.19 9.16
CA CYS A 253 -2.85 -6.16 8.11
C CYS A 253 -4.31 -6.61 8.16
N VAL A 254 -5.17 -5.76 8.70
CA VAL A 254 -6.47 -6.27 9.13
C VAL A 254 -7.52 -5.22 8.89
N SER A 255 -8.74 -5.65 8.63
CA SER A 255 -9.77 -4.68 8.37
C SER A 255 -11.10 -5.04 8.96
N MET A 256 -11.29 -4.53 10.16
CA MET A 256 -12.55 -4.64 10.86
C MET A 256 -13.07 -3.24 11.05
N GLY A 257 -14.16 -3.15 11.80
CA GLY A 257 -14.72 -1.85 12.09
C GLY A 257 -14.75 -1.70 13.58
N ASN A 258 -15.95 -1.78 14.14
CA ASN A 258 -16.14 -1.66 15.57
C ASN A 258 -16.24 -3.06 16.12
N VAL A 259 -15.48 -3.32 17.18
CA VAL A 259 -15.67 -4.54 17.97
C VAL A 259 -16.75 -4.23 19.02
N LEU A 260 -17.10 -5.21 19.84
CA LEU A 260 -18.20 -5.00 20.77
C LEU A 260 -17.90 -5.49 22.17
N LEU A 261 -17.18 -4.69 22.97
CA LEU A 261 -16.88 -5.00 24.40
C LEU A 261 -18.19 -5.09 25.22
N GLU A 262 -18.19 -5.84 26.31
CA GLU A 262 -19.41 -6.00 27.10
C GLU A 262 -19.25 -5.64 28.59
N HIS A 263 -19.40 -4.35 28.91
CA HIS A 263 -19.19 -3.83 30.27
C HIS A 263 -20.27 -4.25 31.27
N HIS A 264 -19.88 -5.03 32.27
CA HIS A 264 -20.74 -5.40 33.40
C HIS A 264 -20.65 -4.31 34.47
N HIS A 265 -21.79 -3.91 35.03
CA HIS A 265 -21.81 -3.01 36.21
C HIS A 265 -22.59 -3.63 37.37
N HIS A 266 -22.09 -3.45 38.59
CA HIS A 266 -22.82 -3.89 39.78
C HIS A 266 -23.21 -2.68 40.60
N HIS A 267 -24.49 -2.54 40.89
CA HIS A 267 -24.97 -1.43 41.69
C HIS A 267 -25.53 -1.87 43.03
N HIS A 268 -24.93 -1.36 44.11
CA HIS A 268 -25.36 -1.69 45.47
C HIS A 268 -26.20 -0.59 46.12
N GLY B 2 22.78 -17.90 20.88
CA GLY B 2 22.03 -17.16 19.81
C GLY B 2 20.58 -16.97 20.18
N PHE B 3 19.88 -16.08 19.46
CA PHE B 3 18.52 -15.71 19.83
C PHE B 3 17.47 -16.76 19.46
N LEU B 4 17.94 -17.85 18.86
CA LEU B 4 17.10 -19.02 18.55
C LEU B 4 17.51 -20.24 19.39
N ALA B 5 18.15 -20.01 20.54
CA ALA B 5 18.61 -21.11 21.40
C ALA B 5 17.49 -22.07 21.79
N GLY B 6 17.69 -23.34 21.45
CA GLY B 6 16.74 -24.43 21.74
C GLY B 6 15.39 -24.40 21.02
N LYS B 7 15.21 -23.52 20.04
CA LYS B 7 13.93 -23.44 19.35
C LYS B 7 13.92 -24.50 18.29
N LYS B 8 12.75 -25.08 18.04
CA LYS B 8 12.65 -26.19 17.12
C LYS B 8 11.93 -25.74 15.87
N ILE B 9 12.66 -25.72 14.74
CA ILE B 9 12.16 -25.13 13.48
C ILE B 9 12.14 -26.10 12.27
N LEU B 10 11.00 -26.13 11.55
CA LEU B 10 10.87 -26.90 10.32
C LEU B 10 11.17 -26.02 9.12
N ILE B 11 12.14 -26.41 8.30
CA ILE B 11 12.48 -25.63 7.09
C ILE B 11 12.09 -26.44 5.86
N THR B 12 11.27 -25.84 5.01
CA THR B 12 10.93 -26.44 3.72
C THR B 12 11.76 -25.85 2.57
N GLY B 13 11.79 -26.57 1.44
CA GLY B 13 12.39 -26.05 0.21
C GLY B 13 13.91 -25.94 0.15
N LEU B 14 14.62 -26.83 0.85
CA LEU B 14 16.07 -26.93 0.70
C LEU B 14 16.32 -27.92 -0.41
N LEU B 15 16.86 -27.43 -1.52
CA LEU B 15 17.12 -28.25 -2.69
C LEU B 15 18.58 -28.14 -3.10
N SER B 16 19.23 -27.09 -2.61
CA SER B 16 20.56 -26.74 -3.11
C SER B 16 21.48 -26.07 -2.11
N ASN B 17 22.76 -26.31 -2.31
CA ASN B 17 23.84 -25.51 -1.80
C ASN B 17 23.61 -23.97 -1.91
N LYS B 18 22.74 -23.56 -2.84
CA LYS B 18 22.44 -22.13 -3.09
C LYS B 18 20.97 -21.68 -2.87
N SER B 19 20.11 -22.61 -2.45
CA SER B 19 18.73 -22.32 -2.00
C SER B 19 18.70 -21.21 -0.97
N ILE B 20 17.62 -20.45 -0.93
CA ILE B 20 17.47 -19.46 0.13
C ILE B 20 17.39 -20.20 1.47
N ALA B 21 16.67 -21.33 1.47
CA ALA B 21 16.53 -22.17 2.65
C ALA B 21 17.86 -22.64 3.22
N TYR B 22 18.89 -22.74 2.39
CA TYR B 22 20.20 -23.04 2.95
C TYR B 22 20.78 -21.86 3.71
N GLY B 23 20.56 -20.65 3.22
CA GLY B 23 20.99 -19.45 3.92
C GLY B 23 20.24 -19.34 5.24
N ILE B 24 18.94 -19.57 5.19
CA ILE B 24 18.11 -19.58 6.38
C ILE B 24 18.71 -20.55 7.38
N ALA B 25 18.88 -21.81 6.96
CA ALA B 25 19.43 -22.87 7.81
C ALA B 25 20.73 -22.42 8.46
N LYS B 26 21.70 -21.99 7.64
CA LYS B 26 22.98 -21.49 8.14
C LYS B 26 22.83 -20.42 9.22
N ALA B 27 21.81 -19.59 9.06
CA ALA B 27 21.57 -18.47 9.95
C ALA B 27 20.98 -18.98 11.24
N MET B 28 19.95 -19.83 11.13
CA MET B 28 19.18 -20.28 12.28
C MET B 28 20.06 -21.18 13.13
N HIS B 29 20.90 -21.94 12.46
CA HIS B 29 21.74 -22.91 13.15
C HIS B 29 22.77 -22.16 13.95
N ARG B 30 23.31 -21.10 13.37
CA ARG B 30 24.29 -20.27 14.05
C ARG B 30 23.65 -19.62 15.27
N GLU B 31 22.35 -19.35 15.17
CA GLU B 31 21.63 -18.69 16.24
C GLU B 31 21.11 -19.68 17.25
N GLY B 32 21.58 -20.93 17.13
CA GLY B 32 21.38 -21.95 18.16
C GLY B 32 20.07 -22.73 18.12
N ALA B 33 19.44 -22.82 16.95
CA ALA B 33 18.23 -23.60 16.83
C ALA B 33 18.48 -25.07 16.42
N GLU B 34 17.53 -25.92 16.81
CA GLU B 34 17.40 -27.31 16.33
C GLU B 34 16.53 -27.32 15.10
N LEU B 35 16.91 -28.09 14.08
CA LEU B 35 16.29 -27.97 12.77
C LEU B 35 15.85 -29.27 12.14
N ALA B 36 14.75 -29.19 11.39
CA ALA B 36 14.18 -30.33 10.69
C ALA B 36 13.87 -29.94 9.25
N PHE B 37 14.03 -30.90 8.34
CA PHE B 37 13.99 -30.61 6.90
C PHE B 37 13.09 -31.55 6.12
N THR B 38 12.34 -31.01 5.17
CA THR B 38 11.50 -31.82 4.29
C THR B 38 12.16 -32.04 2.94
N TYR B 39 12.01 -33.24 2.37
CA TYR B 39 12.45 -33.51 0.99
C TYR B 39 11.28 -34.01 0.13
N VAL B 40 11.51 -34.10 -1.18
CA VAL B 40 10.47 -34.49 -2.14
C VAL B 40 10.87 -35.75 -2.89
N GLY B 41 9.98 -36.73 -2.94
CA GLY B 41 10.19 -37.97 -3.70
C GLY B 41 11.54 -38.67 -3.54
N GLN B 42 12.19 -38.93 -4.69
CA GLN B 42 13.47 -39.66 -4.75
C GLN B 42 14.69 -38.79 -4.42
N PHE B 43 14.49 -37.81 -3.53
CA PHE B 43 15.57 -36.90 -3.12
C PHE B 43 15.98 -37.03 -1.65
N LYS B 44 15.59 -38.14 -1.02
CA LYS B 44 15.90 -38.36 0.39
C LYS B 44 17.39 -38.10 0.60
N ASP B 45 18.22 -38.77 -0.20
CA ASP B 45 19.67 -38.77 0.04
C ASP B 45 20.40 -37.44 -0.24
N ARG B 46 20.08 -36.79 -1.36
CA ARG B 46 20.68 -35.49 -1.67
C ARG B 46 20.38 -34.45 -0.60
N VAL B 47 19.16 -34.45 -0.05
CA VAL B 47 18.81 -33.55 1.05
C VAL B 47 19.41 -34.03 2.37
N GLU B 48 19.60 -35.34 2.52
CA GLU B 48 20.30 -35.84 3.70
C GLU B 48 21.77 -35.38 3.72
N LYS B 49 22.51 -35.56 2.62
CA LYS B 49 23.89 -35.07 2.54
C LYS B 49 23.92 -33.54 2.73
N LEU B 50 22.92 -32.86 2.17
CA LEU B 50 22.82 -31.41 2.18
C LEU B 50 22.64 -30.73 3.53
N CYS B 51 22.03 -31.41 4.49
CA CYS B 51 21.77 -30.71 5.73
C CYS B 51 22.45 -31.39 6.87
N ALA B 52 23.35 -32.31 6.54
CA ALA B 52 24.17 -33.00 7.53
C ALA B 52 24.85 -31.99 8.48
N GLU B 53 25.37 -30.92 7.89
CA GLU B 53 26.10 -29.92 8.63
C GLU B 53 25.26 -29.15 9.61
N PHE B 54 23.97 -29.42 9.66
CA PHE B 54 23.09 -28.72 10.60
C PHE B 54 22.60 -29.63 11.72
N ASN B 55 23.20 -30.82 11.82
CA ASN B 55 22.77 -31.85 12.76
C ASN B 55 21.26 -31.96 12.90
N PRO B 56 20.57 -32.40 11.81
CA PRO B 56 19.12 -32.27 11.75
C PRO B 56 18.44 -33.23 12.70
N ALA B 57 17.32 -32.79 13.26
CA ALA B 57 16.51 -33.64 14.14
C ALA B 57 15.71 -34.67 13.35
N ALA B 58 15.41 -34.34 12.09
CA ALA B 58 14.58 -35.17 11.24
C ALA B 58 14.70 -34.77 9.75
N VAL B 59 14.64 -35.76 8.87
CA VAL B 59 14.59 -35.52 7.42
C VAL B 59 13.39 -36.29 6.83
N LEU B 60 12.29 -35.60 6.64
CA LEU B 60 11.04 -36.29 6.39
C LEU B 60 10.44 -35.91 5.06
N PRO B 61 9.76 -36.87 4.39
CA PRO B 61 9.13 -36.63 3.09
C PRO B 61 8.00 -35.61 3.20
N CYS B 62 7.79 -34.80 2.16
CA CYS B 62 6.67 -33.85 2.13
C CYS B 62 6.42 -33.18 0.76
N ASP B 63 5.51 -33.77 0.00
CA ASP B 63 5.04 -33.21 -1.26
C ASP B 63 3.78 -32.40 -0.99
N VAL B 64 3.91 -31.08 -0.94
CA VAL B 64 2.82 -30.21 -0.46
C VAL B 64 1.57 -30.31 -1.36
N ILE B 65 1.69 -31.12 -2.39
CA ILE B 65 0.58 -31.55 -3.24
C ILE B 65 -0.39 -32.48 -2.48
N SER B 66 0.15 -33.27 -1.54
CA SER B 66 -0.60 -34.32 -0.89
C SER B 66 -0.89 -34.01 0.56
N ASP B 67 -2.16 -33.84 0.88
CA ASP B 67 -2.59 -33.67 2.25
C ASP B 67 -2.06 -34.82 3.09
N GLN B 68 -2.11 -36.02 2.53
CA GLN B 68 -1.68 -37.20 3.27
C GLN B 68 -0.22 -37.04 3.66
N GLU B 69 0.61 -36.54 2.74
CA GLU B 69 2.02 -36.35 3.05
C GLU B 69 2.28 -35.29 4.13
N ILE B 70 1.46 -34.24 4.13
CA ILE B 70 1.58 -33.13 5.09
C ILE B 70 1.14 -33.54 6.50
N LYS B 71 -0.03 -34.18 6.60
CA LYS B 71 -0.47 -34.80 7.85
C LYS B 71 0.65 -35.68 8.40
N ASP B 72 1.22 -36.51 7.53
CA ASP B 72 2.24 -37.48 7.90
C ASP B 72 3.53 -36.84 8.33
N LEU B 73 3.82 -35.66 7.80
CA LEU B 73 5.01 -34.96 8.21
C LEU B 73 4.93 -34.73 9.72
N PHE B 74 3.90 -34.01 10.14
CA PHE B 74 3.76 -33.62 11.53
C PHE B 74 3.47 -34.77 12.47
N VAL B 75 2.77 -35.79 12.01
CA VAL B 75 2.55 -36.97 12.85
C VAL B 75 3.94 -37.47 13.25
N GLU B 76 4.86 -37.46 12.29
CA GLU B 76 6.15 -38.06 12.42
C GLU B 76 7.08 -37.10 13.11
N LEU B 77 6.91 -35.82 12.83
CA LEU B 77 7.61 -34.73 13.51
C LEU B 77 7.23 -34.64 14.99
N GLY B 78 5.97 -34.95 15.29
CA GLY B 78 5.51 -35.01 16.68
C GLY B 78 6.13 -36.12 17.49
N LYS B 79 6.63 -37.16 16.81
CA LYS B 79 7.34 -38.26 17.49
C LYS B 79 8.73 -37.83 17.97
N VAL B 80 9.33 -36.83 17.32
CA VAL B 80 10.67 -36.42 17.71
C VAL B 80 10.70 -35.20 18.62
N TRP B 81 9.65 -34.38 18.51
CA TRP B 81 9.54 -33.12 19.25
C TRP B 81 8.19 -33.02 19.96
N ASP B 82 8.21 -32.44 21.16
CA ASP B 82 6.99 -32.21 21.95
C ASP B 82 6.25 -30.91 21.60
N GLY B 83 6.81 -30.16 20.66
CA GLY B 83 6.21 -28.92 20.17
C GLY B 83 7.05 -28.28 19.09
N LEU B 84 6.41 -27.42 18.30
CA LEU B 84 7.06 -26.84 17.14
C LEU B 84 7.20 -25.35 17.33
N ASP B 85 8.38 -24.84 17.06
CA ASP B 85 8.59 -23.42 17.16
C ASP B 85 8.34 -22.66 15.86
N ALA B 86 8.96 -23.06 14.75
CA ALA B 86 8.59 -22.45 13.47
C ALA B 86 8.52 -23.32 12.22
N ILE B 87 7.75 -22.82 11.27
CA ILE B 87 7.76 -23.36 9.92
C ILE B 87 8.33 -22.29 8.99
N VAL B 88 9.22 -22.72 8.11
CA VAL B 88 9.76 -21.86 7.04
C VAL B 88 9.17 -22.35 5.73
N HIS B 89 8.39 -21.50 5.07
CA HIS B 89 7.76 -21.86 3.81
C HIS B 89 8.53 -21.30 2.63
N SER B 90 9.47 -22.07 2.10
CA SER B 90 10.17 -21.62 0.90
C SER B 90 9.86 -22.56 -0.29
N ILE B 91 8.62 -22.49 -0.76
CA ILE B 91 8.17 -23.38 -1.83
C ILE B 91 7.52 -22.58 -2.95
N ALA B 92 8.01 -22.78 -4.15
CA ALA B 92 7.46 -22.09 -5.31
C ALA B 92 7.55 -22.93 -6.55
N PHE B 93 6.43 -23.08 -7.22
CA PHE B 93 6.46 -23.68 -8.52
C PHE B 93 5.34 -23.16 -9.41
N ALA B 94 5.72 -22.97 -10.66
CA ALA B 94 4.79 -22.73 -11.72
C ALA B 94 5.30 -23.52 -12.91
N PRO B 95 4.38 -24.21 -13.61
CA PRO B 95 4.71 -24.93 -14.84
C PRO B 95 5.37 -23.99 -15.83
N ARG B 96 6.36 -24.50 -16.55
CA ARG B 96 7.22 -23.66 -17.40
C ARG B 96 6.45 -22.84 -18.43
N ASP B 97 5.43 -23.45 -19.03
CA ASP B 97 4.61 -22.78 -20.05
C ASP B 97 3.84 -21.54 -19.56
N GLN B 98 3.70 -21.40 -18.24
CA GLN B 98 3.08 -20.21 -17.65
C GLN B 98 4.06 -19.04 -17.71
N LEU B 99 5.33 -19.35 -17.44
CA LEU B 99 6.38 -18.37 -17.21
C LEU B 99 7.11 -17.75 -18.40
N GLU B 100 6.75 -18.07 -19.65
CA GLU B 100 7.52 -17.48 -20.72
C GLU B 100 6.72 -16.85 -21.86
N GLY B 101 6.41 -15.57 -21.66
CA GLY B 101 5.79 -14.75 -22.69
C GLY B 101 4.73 -13.81 -22.16
N ASN B 102 3.91 -13.34 -23.07
CA ASN B 102 2.71 -12.58 -22.75
C ASN B 102 1.77 -13.38 -21.83
N PHE B 103 1.46 -12.79 -20.68
CA PHE B 103 0.63 -13.42 -19.68
C PHE B 103 -0.68 -13.99 -20.25
N ILE B 104 -1.48 -13.18 -20.94
CA ILE B 104 -2.76 -13.66 -21.41
C ILE B 104 -2.60 -14.74 -22.49
N ASP B 105 -1.42 -14.76 -23.14
CA ASP B 105 -1.07 -15.81 -24.12
C ASP B 105 -0.80 -17.12 -23.36
N CYS B 106 0.04 -17.01 -22.34
CA CYS B 106 0.53 -18.18 -21.65
C CYS B 106 -0.46 -18.85 -20.71
N VAL B 107 -1.15 -18.02 -19.91
CA VAL B 107 -1.95 -18.48 -18.78
C VAL B 107 -2.92 -19.60 -19.18
N THR B 108 -2.99 -20.64 -18.35
CA THR B 108 -3.99 -21.70 -18.50
C THR B 108 -4.68 -21.95 -17.17
N ARG B 109 -5.86 -22.58 -17.24
CA ARG B 109 -6.62 -22.93 -16.05
C ARG B 109 -5.80 -23.79 -15.10
N GLU B 110 -5.21 -24.86 -15.65
CA GLU B 110 -4.37 -25.79 -14.91
C GLU B 110 -3.12 -25.13 -14.32
N GLY B 111 -2.45 -24.31 -15.13
CA GLY B 111 -1.25 -23.63 -14.64
C GLY B 111 -1.64 -22.77 -13.47
N PHE B 112 -2.74 -22.04 -13.66
CA PHE B 112 -3.26 -21.15 -12.63
C PHE B 112 -3.54 -21.97 -11.37
N SER B 113 -4.15 -23.13 -11.58
CA SER B 113 -4.48 -24.01 -10.48
C SER B 113 -3.23 -24.51 -9.76
N ILE B 114 -2.37 -25.22 -10.49
CA ILE B 114 -1.13 -25.77 -9.92
C ILE B 114 -0.26 -24.72 -9.19
N ALA B 115 0.03 -23.59 -9.85
CA ALA B 115 0.90 -22.59 -9.26
C ALA B 115 0.39 -22.16 -7.90
N HIS B 116 -0.92 -21.92 -7.82
CA HIS B 116 -1.57 -21.45 -6.58
C HIS B 116 -1.54 -22.52 -5.48
N ASP B 117 -1.75 -23.76 -5.90
CA ASP B 117 -1.73 -24.92 -5.04
C ASP B 117 -0.40 -25.15 -4.30
N ILE B 118 0.70 -25.16 -5.07
CA ILE B 118 2.03 -25.39 -4.55
C ILE B 118 2.61 -24.11 -3.91
N SER B 119 2.41 -22.98 -4.57
CA SER B 119 3.00 -21.73 -4.13
C SER B 119 2.23 -21.02 -3.02
N ALA B 120 0.91 -21.03 -3.04
CA ALA B 120 0.12 -20.27 -2.04
C ALA B 120 -0.53 -21.15 -0.99
N TYR B 121 -1.39 -22.06 -1.44
CA TYR B 121 -2.19 -22.85 -0.53
C TYR B 121 -1.30 -23.58 0.46
N SER B 122 -0.29 -24.29 -0.06
CA SER B 122 0.60 -25.12 0.78
C SER B 122 1.09 -24.41 2.04
N PHE B 123 1.13 -23.08 2.04
CA PHE B 123 1.38 -22.35 3.29
C PHE B 123 0.24 -22.65 4.29
N ALA B 124 -1.00 -22.35 3.91
CA ALA B 124 -2.18 -22.67 4.75
C ALA B 124 -2.19 -24.14 5.21
N ALA B 125 -1.91 -25.07 4.30
CA ALA B 125 -1.87 -26.49 4.63
C ALA B 125 -0.88 -26.74 5.75
N LEU B 126 0.28 -26.09 5.67
CA LEU B 126 1.29 -26.27 6.69
C LEU B 126 0.86 -25.70 8.05
N ALA B 127 0.26 -24.49 8.01
CA ALA B 127 -0.31 -23.89 9.21
C ALA B 127 -1.32 -24.84 9.82
N LYS B 128 -2.20 -25.34 8.96
CA LYS B 128 -3.33 -26.17 9.38
C LYS B 128 -2.93 -27.45 10.07
N GLU B 129 -1.98 -28.19 9.50
CA GLU B 129 -1.49 -29.42 10.15
C GLU B 129 -0.51 -29.13 11.28
N GLY B 130 0.24 -28.05 11.15
CA GLY B 130 1.26 -27.74 12.13
C GLY B 130 0.71 -27.14 13.41
N ARG B 131 -0.41 -26.44 13.31
CA ARG B 131 -0.97 -25.60 14.37
C ARG B 131 -0.92 -26.22 15.75
N SER B 132 -1.36 -27.47 15.86
CA SER B 132 -1.51 -28.06 17.19
C SER B 132 -0.18 -28.25 17.92
N MET B 133 0.94 -28.28 17.20
CA MET B 133 2.20 -28.31 17.91
C MET B 133 2.87 -26.96 18.12
N MET B 134 2.20 -25.91 17.69
CA MET B 134 2.73 -24.55 17.79
C MET B 134 2.02 -23.64 18.83
N LYS B 135 1.03 -24.18 19.53
CA LYS B 135 0.23 -23.37 20.45
C LYS B 135 0.98 -22.83 21.66
N ASN B 136 0.93 -21.50 21.81
CA ASN B 136 1.38 -20.78 23.02
C ASN B 136 2.84 -20.98 23.38
N ARG B 137 3.70 -20.47 22.51
CA ARG B 137 5.15 -20.54 22.67
C ARG B 137 5.80 -19.56 21.69
N ASN B 138 5.08 -18.47 21.41
CA ASN B 138 5.58 -17.42 20.56
C ASN B 138 6.04 -18.02 19.24
N ALA B 139 5.23 -18.93 18.70
CA ALA B 139 5.62 -19.68 17.49
C ALA B 139 5.47 -18.80 16.27
N SER B 140 6.04 -19.25 15.16
CA SER B 140 6.24 -18.39 14.01
C SER B 140 6.07 -19.13 12.70
N MET B 141 5.56 -18.40 11.71
CA MET B 141 5.52 -18.91 10.35
C MET B 141 6.06 -17.81 9.47
N VAL B 142 6.96 -18.19 8.56
CA VAL B 142 7.54 -17.23 7.61
C VAL B 142 7.54 -17.81 6.21
N ALA B 143 6.96 -17.06 5.27
CA ALA B 143 6.94 -17.48 3.88
C ALA B 143 7.88 -16.65 3.05
N LEU B 144 8.42 -17.23 1.98
CA LEU B 144 9.22 -16.46 1.06
C LEU B 144 8.43 -15.92 -0.09
N THR B 145 8.63 -14.65 -0.43
CA THR B 145 7.83 -14.03 -1.49
C THR B 145 8.67 -13.09 -2.36
N TYR B 146 8.06 -12.51 -3.37
CA TYR B 146 8.77 -11.70 -4.34
C TYR B 146 7.89 -10.59 -4.87
N ILE B 147 8.49 -9.44 -5.10
CA ILE B 147 7.75 -8.22 -5.46
C ILE B 147 6.84 -8.38 -6.69
N GLY B 148 7.09 -9.45 -7.47
CA GLY B 148 6.22 -9.83 -8.59
C GLY B 148 4.76 -9.94 -8.17
N ALA B 149 4.53 -10.18 -6.88
CA ALA B 149 3.18 -10.16 -6.32
C ALA B 149 2.58 -8.75 -6.35
N GLU B 150 3.34 -7.77 -5.86
CA GLU B 150 2.90 -6.37 -5.73
C GLU B 150 2.65 -5.61 -7.04
N LYS B 151 3.42 -5.97 -8.06
CA LYS B 151 3.48 -5.24 -9.33
C LYS B 151 3.70 -6.22 -10.49
N ALA B 152 3.11 -5.94 -11.65
CA ALA B 152 3.25 -6.85 -12.82
C ALA B 152 4.60 -6.72 -13.52
N MET B 153 5.17 -7.86 -13.88
CA MET B 153 6.47 -7.90 -14.55
C MET B 153 6.41 -8.78 -15.77
N PRO B 154 7.18 -8.46 -16.81
CA PRO B 154 7.41 -9.42 -17.89
C PRO B 154 7.74 -10.82 -17.34
N SER B 155 7.33 -11.85 -18.08
CA SER B 155 7.58 -13.26 -17.77
C SER B 155 7.22 -13.83 -16.41
N TYR B 156 7.27 -13.04 -15.35
CA TYR B 156 6.96 -13.63 -14.04
C TYR B 156 5.53 -14.20 -14.02
N ASN B 157 4.63 -13.55 -14.76
CA ASN B 157 3.28 -14.04 -15.06
C ASN B 157 2.56 -14.73 -13.90
N THR B 158 2.11 -15.96 -14.16
CA THR B 158 1.22 -16.69 -13.24
C THR B 158 1.79 -16.75 -11.83
N MET B 159 3.12 -16.90 -11.77
CA MET B 159 3.88 -16.88 -10.53
C MET B 159 3.60 -15.61 -9.71
N GLY B 160 3.47 -14.49 -10.42
CA GLY B 160 3.22 -13.19 -9.79
C GLY B 160 1.89 -13.16 -9.08
N VAL B 161 0.89 -13.78 -9.71
CA VAL B 161 -0.46 -13.87 -9.17
C VAL B 161 -0.47 -14.84 -7.98
N ALA B 162 0.29 -15.92 -8.11
CA ALA B 162 0.41 -16.92 -7.07
C ALA B 162 1.05 -16.30 -5.86
N LYS B 163 2.15 -15.57 -6.06
CA LYS B 163 2.80 -14.90 -4.94
C LYS B 163 1.84 -13.92 -4.26
N ALA B 164 0.97 -13.29 -5.04
CA ALA B 164 -0.06 -12.39 -4.53
C ALA B 164 -1.04 -13.14 -3.63
N SER B 165 -1.57 -14.24 -4.15
CA SER B 165 -2.36 -15.20 -3.39
C SER B 165 -1.61 -15.66 -2.11
N LEU B 166 -0.30 -15.96 -2.25
CA LEU B 166 0.56 -16.27 -1.11
C LEU B 166 0.63 -15.18 -0.01
N GLU B 167 0.81 -13.91 -0.39
CA GLU B 167 0.81 -12.83 0.62
C GLU B 167 -0.56 -12.54 1.28
N ALA B 168 -1.64 -12.96 0.63
CA ALA B 168 -2.94 -12.87 1.26
C ALA B 168 -3.07 -14.03 2.23
N THR B 169 -2.57 -15.21 1.83
CA THR B 169 -2.54 -16.37 2.70
C THR B 169 -1.74 -16.02 3.96
N VAL B 170 -0.63 -15.33 3.79
CA VAL B 170 0.10 -14.88 4.96
C VAL B 170 -0.84 -14.07 5.86
N ARG B 171 -1.50 -13.04 5.31
CA ARG B 171 -2.32 -12.14 6.14
C ARG B 171 -3.42 -12.87 6.86
N TYR B 172 -4.15 -13.73 6.15
CA TYR B 172 -5.27 -14.43 6.78
C TYR B 172 -4.78 -15.37 7.87
N THR B 173 -3.71 -16.11 7.56
CA THR B 173 -3.12 -16.99 8.55
C THR B 173 -2.76 -16.18 9.79
N ALA B 174 -2.06 -15.05 9.59
CA ALA B 174 -1.73 -14.13 10.69
C ALA B 174 -2.93 -13.86 11.57
N LEU B 175 -4.05 -13.51 10.93
CA LEU B 175 -5.25 -13.23 11.69
C LEU B 175 -5.81 -14.50 12.36
N ALA B 176 -5.76 -15.62 11.64
CA ALA B 176 -6.36 -16.86 12.12
C ALA B 176 -5.59 -17.53 13.24
N LEU B 177 -4.28 -17.29 13.30
CA LEU B 177 -3.36 -17.97 14.24
C LEU B 177 -2.77 -17.06 15.34
N GLY B 178 -3.05 -15.77 15.23
CA GLY B 178 -2.60 -14.83 16.22
C GLY B 178 -3.05 -15.25 17.59
N GLU B 179 -4.30 -15.68 17.68
CA GLU B 179 -4.93 -16.08 18.94
C GLU B 179 -4.24 -17.25 19.61
N ASP B 180 -3.13 -17.73 19.04
CA ASP B 180 -2.34 -18.79 19.62
C ASP B 180 -0.91 -18.32 19.81
N GLY B 181 -0.71 -17.02 19.64
CA GLY B 181 0.62 -16.43 19.74
C GLY B 181 1.50 -16.72 18.53
N ILE B 182 0.94 -17.37 17.52
CA ILE B 182 1.72 -17.66 16.33
C ILE B 182 1.83 -16.41 15.43
N LYS B 183 3.00 -15.78 15.39
CA LYS B 183 3.23 -14.72 14.42
C LYS B 183 3.47 -15.28 13.02
N VAL B 184 2.79 -14.70 12.04
CA VAL B 184 2.89 -15.18 10.66
C VAL B 184 3.32 -14.01 9.73
N ASN B 185 4.41 -14.21 9.00
CA ASN B 185 5.07 -13.14 8.22
C ASN B 185 5.73 -13.63 6.93
N ALA B 186 6.15 -12.71 6.09
CA ALA B 186 6.75 -13.08 4.81
C ALA B 186 7.94 -12.21 4.49
N VAL B 187 8.97 -12.81 3.92
CA VAL B 187 10.11 -12.06 3.41
C VAL B 187 10.06 -12.01 1.90
N SER B 188 9.88 -10.81 1.34
CA SER B 188 10.05 -10.59 -0.08
C SER B 188 11.55 -10.46 -0.44
N ALA B 189 12.07 -11.47 -1.11
CA ALA B 189 13.49 -11.52 -1.40
C ALA B 189 13.79 -11.00 -2.82
N GLY B 190 14.70 -10.04 -2.92
CA GLY B 190 15.27 -9.69 -4.21
C GLY B 190 16.08 -10.85 -4.80
N PRO B 191 16.20 -10.93 -6.14
CA PRO B 191 16.96 -12.03 -6.70
C PRO B 191 18.40 -12.01 -6.18
N ILE B 192 19.02 -13.20 -6.14
CA ILE B 192 20.39 -13.41 -5.67
C ILE B 192 21.43 -13.06 -6.74
N LYS B 193 21.15 -13.44 -7.97
CA LYS B 193 22.02 -13.14 -9.10
C LYS B 193 21.20 -12.66 -10.31
N THR B 194 21.89 -12.07 -11.25
CA THR B 194 21.37 -11.77 -12.58
C THR B 194 22.40 -12.31 -13.59
N LEU B 195 22.09 -12.33 -14.89
CA LEU B 195 23.08 -12.71 -15.93
C LEU B 195 22.52 -12.67 -17.35
N MET B 212 22.16 -2.50 -10.15
CA MET B 212 22.20 -1.16 -10.71
C MET B 212 21.05 -0.28 -10.21
N VAL B 213 19.87 -0.89 -10.11
CA VAL B 213 18.61 -0.15 -9.91
C VAL B 213 18.34 0.25 -8.44
N SER B 214 18.51 -0.70 -7.54
CA SER B 214 18.20 -0.50 -6.14
C SER B 214 19.22 0.43 -5.47
N PRO B 215 18.79 1.18 -4.43
CA PRO B 215 19.61 2.22 -3.80
C PRO B 215 20.90 1.70 -3.20
N LEU B 216 20.92 0.43 -2.82
CA LEU B 216 22.15 -0.18 -2.34
C LEU B 216 23.06 -0.63 -3.49
N LYS B 217 22.55 -0.60 -4.71
CA LYS B 217 23.39 -0.85 -5.90
C LYS B 217 23.97 -2.27 -5.94
N LYS B 218 23.30 -3.22 -5.29
CA LYS B 218 23.73 -4.62 -5.27
C LYS B 218 22.59 -5.64 -5.22
N ASN B 219 22.98 -6.91 -5.21
CA ASN B 219 22.06 -8.02 -5.02
C ASN B 219 22.25 -8.51 -3.62
N VAL B 220 21.14 -8.71 -2.92
CA VAL B 220 21.21 -9.25 -1.58
C VAL B 220 21.61 -10.72 -1.70
N ASP B 221 22.31 -11.23 -0.69
CA ASP B 221 22.75 -12.60 -0.71
C ASP B 221 21.96 -13.44 0.29
N ILE B 222 22.18 -14.76 0.29
CA ILE B 222 21.35 -15.70 1.03
C ILE B 222 21.46 -15.56 2.55
N MET B 223 22.49 -14.84 2.99
CA MET B 223 22.66 -14.63 4.41
C MET B 223 21.74 -13.54 4.90
N GLU B 224 21.74 -12.41 4.17
CA GLU B 224 20.85 -11.31 4.48
C GLU B 224 19.41 -11.78 4.51
N VAL B 225 18.98 -12.50 3.49
CA VAL B 225 17.66 -13.11 3.56
C VAL B 225 17.58 -14.02 4.81
N GLY B 226 18.51 -14.96 4.92
CA GLY B 226 18.56 -15.88 6.05
C GLY B 226 18.45 -15.21 7.41
N ASN B 227 19.28 -14.20 7.67
CA ASN B 227 19.28 -13.53 8.96
C ASN B 227 17.93 -12.87 9.29
N THR B 228 17.22 -12.35 8.27
CA THR B 228 15.89 -11.75 8.48
C THR B 228 14.86 -12.81 8.80
N VAL B 229 14.85 -13.91 8.06
CA VAL B 229 13.94 -15.01 8.38
C VAL B 229 14.22 -15.52 9.80
N ALA B 230 15.51 -15.59 10.15
CA ALA B 230 15.91 -15.99 11.51
C ALA B 230 15.32 -15.05 12.54
N PHE B 231 15.54 -13.76 12.38
CA PHE B 231 14.99 -12.75 13.29
C PHE B 231 13.46 -12.82 13.37
N LEU B 232 12.81 -13.20 12.28
CA LEU B 232 11.36 -13.27 12.27
C LEU B 232 10.79 -14.53 12.91
N CYS B 233 11.68 -15.37 13.41
CA CYS B 233 11.31 -16.57 14.16
C CYS B 233 11.87 -16.44 15.56
N SER B 234 12.43 -15.27 15.86
CA SER B 234 12.97 -14.98 17.16
C SER B 234 11.98 -14.25 18.04
N ASP B 235 12.18 -14.41 19.35
CA ASP B 235 11.41 -13.71 20.38
C ASP B 235 11.47 -12.19 20.28
N MET B 236 12.42 -11.68 19.52
CA MET B 236 12.53 -10.24 19.37
C MET B 236 11.42 -9.67 18.49
N ALA B 237 10.78 -10.52 17.69
CA ALA B 237 9.81 -10.04 16.73
C ALA B 237 8.41 -10.49 17.08
N THR B 238 8.13 -10.61 18.37
CA THR B 238 6.80 -11.06 18.83
C THR B 238 5.70 -10.01 18.68
N GLY B 239 6.04 -8.79 18.29
CA GLY B 239 5.06 -7.75 18.03
C GLY B 239 4.85 -7.50 16.55
N ILE B 240 5.38 -8.42 15.72
CA ILE B 240 5.35 -8.27 14.26
C ILE B 240 4.63 -9.43 13.58
N THR B 241 3.53 -9.14 12.92
CA THR B 241 2.79 -10.21 12.24
C THR B 241 2.02 -9.68 11.06
N GLY B 242 1.65 -10.57 10.14
CA GLY B 242 0.96 -10.17 8.91
C GLY B 242 1.81 -9.30 7.99
N GLU B 243 3.08 -9.11 8.34
CA GLU B 243 3.96 -8.14 7.68
C GLU B 243 4.71 -8.72 6.48
N VAL B 244 5.08 -7.84 5.54
CA VAL B 244 6.05 -8.18 4.50
C VAL B 244 7.28 -7.30 4.71
N VAL B 245 8.43 -7.97 4.74
CA VAL B 245 9.71 -7.30 4.90
C VAL B 245 10.54 -7.56 3.66
N HIS B 246 10.74 -6.55 2.84
CA HIS B 246 11.51 -6.75 1.64
C HIS B 246 13.00 -6.76 2.02
N VAL B 247 13.70 -7.87 1.74
CA VAL B 247 15.14 -7.87 1.76
C VAL B 247 15.55 -7.91 0.29
N ASP B 248 15.65 -6.73 -0.34
CA ASP B 248 15.87 -6.65 -1.78
C ASP B 248 16.75 -5.47 -2.14
N ALA B 249 17.51 -5.01 -1.15
CA ALA B 249 18.41 -3.84 -1.27
C ALA B 249 17.68 -2.51 -1.58
N GLY B 250 16.41 -2.42 -1.21
CA GLY B 250 15.67 -1.15 -1.32
C GLY B 250 14.88 -0.95 -2.62
N TYR B 251 14.90 -2.00 -3.45
CA TYR B 251 14.31 -1.99 -4.77
C TYR B 251 12.83 -1.59 -4.72
N HIS B 252 12.14 -2.11 -3.71
CA HIS B 252 10.71 -1.88 -3.48
C HIS B 252 10.38 -0.40 -3.29
N CYS B 253 11.31 0.36 -2.70
CA CYS B 253 11.01 1.73 -2.28
C CYS B 253 11.49 2.77 -3.28
N VAL B 254 11.91 2.30 -4.45
CA VAL B 254 12.55 3.16 -5.44
C VAL B 254 11.81 3.01 -6.75
N SER B 255 11.80 4.09 -7.53
CA SER B 255 11.19 4.06 -8.83
C SER B 255 12.09 4.73 -9.84
N MET B 256 13.33 4.25 -9.96
CA MET B 256 14.09 4.57 -11.15
C MET B 256 14.38 3.36 -12.00
N GLY B 257 13.91 3.44 -13.23
CA GLY B 257 14.42 2.59 -14.27
C GLY B 257 15.30 3.47 -15.13
N ASN B 258 16.51 2.99 -15.38
CA ASN B 258 17.32 3.58 -16.43
C ASN B 258 16.76 3.09 -17.75
N VAL B 259 16.93 3.89 -18.80
CA VAL B 259 16.85 3.40 -20.16
C VAL B 259 18.31 3.04 -20.45
N LEU B 260 18.53 2.02 -21.27
CA LEU B 260 19.89 1.68 -21.66
C LEU B 260 19.98 1.90 -23.14
N LEU B 261 20.63 2.98 -23.55
CA LEU B 261 20.87 3.19 -24.98
C LEU B 261 22.04 2.33 -25.48
N GLU B 262 21.89 1.75 -26.66
CA GLU B 262 23.01 1.23 -27.41
C GLU B 262 23.19 2.12 -28.61
N HIS B 263 24.41 2.61 -28.79
CA HIS B 263 24.70 3.68 -29.77
C HIS B 263 24.66 3.19 -31.22
N GLY C 2 -24.54 10.49 -24.60
CA GLY C 2 -24.03 9.50 -23.61
C GLY C 2 -22.57 9.21 -23.87
N PHE C 3 -21.76 9.27 -22.81
CA PHE C 3 -20.32 9.07 -22.95
C PHE C 3 -19.87 7.65 -23.32
N LEU C 4 -20.82 6.74 -23.45
CA LEU C 4 -20.53 5.37 -23.86
C LEU C 4 -21.21 5.00 -25.18
N ALA C 5 -21.64 6.02 -25.92
CA ALA C 5 -22.46 5.83 -27.11
C ALA C 5 -21.81 4.97 -28.18
N GLY C 6 -22.51 3.89 -28.56
CA GLY C 6 -22.04 2.96 -29.59
C GLY C 6 -20.95 1.98 -29.16
N LYS C 7 -20.62 1.95 -27.88
CA LYS C 7 -19.66 0.96 -27.40
C LYS C 7 -20.40 -0.32 -27.15
N LYS C 8 -19.78 -1.42 -27.55
CA LYS C 8 -20.33 -2.72 -27.31
C LYS C 8 -19.67 -3.31 -26.08
N ILE C 9 -20.48 -3.61 -25.06
CA ILE C 9 -19.94 -4.11 -23.79
C ILE C 9 -20.67 -5.37 -23.30
N LEU C 10 -19.93 -6.22 -22.62
CA LEU C 10 -20.45 -7.52 -22.21
C LEU C 10 -20.51 -7.63 -20.70
N ILE C 11 -21.67 -7.95 -20.16
CA ILE C 11 -21.84 -7.88 -18.71
C ILE C 11 -22.09 -9.22 -18.06
N THR C 12 -21.20 -9.60 -17.15
CA THR C 12 -21.36 -10.85 -16.43
C THR C 12 -21.87 -10.63 -15.00
N GLY C 13 -22.52 -11.67 -14.46
CA GLY C 13 -22.84 -11.72 -13.03
C GLY C 13 -24.03 -10.89 -12.60
N LEU C 14 -25.01 -10.79 -13.50
CA LEU C 14 -26.32 -10.21 -13.23
C LEU C 14 -27.19 -11.38 -12.88
N LEU C 15 -27.56 -11.48 -11.60
CA LEU C 15 -28.35 -12.60 -11.13
C LEU C 15 -29.66 -12.11 -10.53
N SER C 16 -29.76 -10.79 -10.32
CA SER C 16 -31.00 -10.12 -9.84
C SER C 16 -30.88 -8.60 -9.92
N ASN C 17 -31.93 -7.88 -9.56
CA ASN C 17 -31.87 -6.41 -9.60
C ASN C 17 -31.18 -5.71 -8.39
N LYS C 18 -30.48 -6.47 -7.55
CA LYS C 18 -29.61 -5.91 -6.51
C LYS C 18 -28.14 -6.19 -6.82
N SER C 19 -27.90 -6.87 -7.94
CA SER C 19 -26.54 -7.19 -8.34
C SER C 19 -25.80 -5.93 -8.76
N ILE C 20 -24.51 -5.85 -8.47
CA ILE C 20 -23.69 -4.75 -8.97
C ILE C 20 -23.81 -4.63 -10.49
N ALA C 21 -23.61 -5.73 -11.20
CA ALA C 21 -23.91 -5.84 -12.64
C ALA C 21 -25.26 -5.22 -13.10
N TYR C 22 -26.23 -5.08 -12.21
CA TYR C 22 -27.46 -4.37 -12.59
C TYR C 22 -27.24 -2.86 -12.58
N GLY C 23 -26.52 -2.39 -11.57
CA GLY C 23 -26.12 -1.00 -11.48
C GLY C 23 -25.31 -0.60 -12.71
N ILE C 24 -24.31 -1.42 -13.02
CA ILE C 24 -23.49 -1.22 -14.19
C ILE C 24 -24.36 -1.11 -15.45
N ALA C 25 -25.31 -2.02 -15.59
CA ALA C 25 -26.17 -2.10 -16.78
C ALA C 25 -26.95 -0.83 -16.92
N LYS C 26 -27.60 -0.40 -15.84
CA LYS C 26 -28.36 0.87 -15.83
C LYS C 26 -27.45 2.04 -16.22
N ALA C 27 -26.36 2.22 -15.51
CA ALA C 27 -25.37 3.22 -15.87
C ALA C 27 -25.02 3.16 -17.34
N MET C 28 -24.62 1.99 -17.83
CA MET C 28 -24.08 1.90 -19.19
C MET C 28 -25.11 2.16 -20.28
N HIS C 29 -26.33 1.67 -20.06
CA HIS C 29 -27.44 1.90 -20.98
C HIS C 29 -27.83 3.38 -21.00
N ARG C 30 -27.73 4.05 -19.86
CA ARG C 30 -28.04 5.47 -19.82
C ARG C 30 -26.97 6.19 -20.64
N GLU C 31 -25.76 5.66 -20.65
CA GLU C 31 -24.67 6.36 -21.30
C GLU C 31 -24.58 5.97 -22.78
N GLY C 32 -25.62 5.25 -23.25
CA GLY C 32 -25.78 4.85 -24.65
C GLY C 32 -24.89 3.73 -25.16
N ALA C 33 -24.68 2.70 -24.36
CA ALA C 33 -23.91 1.53 -24.82
C ALA C 33 -24.86 0.45 -25.29
N GLU C 34 -24.38 -0.41 -26.19
CA GLU C 34 -25.09 -1.64 -26.52
C GLU C 34 -24.50 -2.74 -25.67
N LEU C 35 -25.36 -3.59 -25.14
CA LEU C 35 -24.96 -4.53 -24.11
C LEU C 35 -25.32 -5.96 -24.44
N ALA C 36 -24.46 -6.88 -24.03
CA ALA C 36 -24.76 -8.30 -24.14
C ALA C 36 -24.54 -8.87 -22.76
N PHE C 37 -25.26 -9.97 -22.44
CA PHE C 37 -25.26 -10.58 -21.09
C PHE C 37 -24.98 -12.07 -21.06
N THR C 38 -24.25 -12.51 -20.04
CA THR C 38 -24.03 -13.94 -19.79
C THR C 38 -24.96 -14.53 -18.72
N TYR C 39 -25.14 -15.84 -18.78
CA TYR C 39 -25.89 -16.58 -17.76
C TYR C 39 -25.35 -18.01 -17.64
N VAL C 40 -25.44 -18.58 -16.45
CA VAL C 40 -25.02 -19.97 -16.27
C VAL C 40 -26.26 -20.83 -16.13
N GLY C 41 -26.10 -22.13 -16.41
CA GLY C 41 -27.17 -23.11 -16.22
C GLY C 41 -28.54 -22.71 -16.75
N GLN C 42 -29.58 -23.18 -16.06
CA GLN C 42 -30.97 -23.02 -16.49
C GLN C 42 -31.51 -21.62 -16.39
N PHE C 43 -30.65 -20.68 -16.00
CA PHE C 43 -31.10 -19.34 -15.68
C PHE C 43 -31.28 -18.44 -16.92
N LYS C 44 -31.37 -19.04 -18.10
CA LYS C 44 -31.62 -18.28 -19.33
C LYS C 44 -32.82 -17.35 -19.17
N ASP C 45 -33.93 -17.91 -18.68
CA ASP C 45 -35.19 -17.20 -18.60
C ASP C 45 -35.14 -16.02 -17.65
N ARG C 46 -34.77 -16.31 -16.41
CA ARG C 46 -34.50 -15.32 -15.40
C ARG C 46 -33.73 -14.13 -16.02
N VAL C 47 -32.49 -14.39 -16.45
CA VAL C 47 -31.59 -13.31 -16.93
C VAL C 47 -32.14 -12.53 -18.15
N GLU C 48 -32.79 -13.25 -19.07
CA GLU C 48 -33.51 -12.60 -20.18
C GLU C 48 -34.63 -11.64 -19.73
N LYS C 49 -35.22 -11.90 -18.55
CA LYS C 49 -36.27 -11.03 -17.99
C LYS C 49 -35.69 -9.77 -17.36
N LEU C 50 -34.63 -9.98 -16.57
CA LEU C 50 -33.98 -8.90 -15.86
C LEU C 50 -33.51 -7.86 -16.81
N CYS C 51 -32.85 -8.29 -17.88
CA CYS C 51 -32.15 -7.37 -18.75
C CYS C 51 -32.94 -6.94 -19.99
N ALA C 52 -34.07 -7.59 -20.25
CA ALA C 52 -34.95 -7.21 -21.36
C ALA C 52 -35.06 -5.69 -21.57
N GLU C 53 -34.90 -4.94 -20.48
CA GLU C 53 -35.17 -3.52 -20.49
C GLU C 53 -34.04 -2.72 -21.11
N PHE C 54 -32.88 -3.36 -21.22
CA PHE C 54 -31.68 -2.77 -21.81
C PHE C 54 -31.52 -3.12 -23.31
N ASN C 55 -32.58 -3.68 -23.91
CA ASN C 55 -32.55 -4.34 -25.23
C ASN C 55 -31.25 -5.09 -25.48
N PRO C 56 -30.99 -6.17 -24.75
CA PRO C 56 -29.70 -6.82 -24.91
C PRO C 56 -29.41 -7.09 -26.38
N ALA C 57 -28.20 -6.81 -26.81
CA ALA C 57 -27.72 -7.20 -28.14
C ALA C 57 -27.53 -8.70 -28.23
N ALA C 58 -27.31 -9.34 -27.08
CA ALA C 58 -27.27 -10.78 -26.98
C ALA C 58 -27.51 -11.22 -25.53
N VAL C 59 -28.11 -12.41 -25.37
CA VAL C 59 -28.14 -13.10 -24.09
C VAL C 59 -27.66 -14.54 -24.27
N LEU C 60 -26.50 -14.86 -23.69
CA LEU C 60 -25.72 -16.07 -24.02
C LEU C 60 -25.23 -16.86 -22.79
N PRO C 61 -25.18 -18.21 -22.90
CA PRO C 61 -24.65 -18.97 -21.78
C PRO C 61 -23.14 -18.81 -21.58
N CYS C 62 -22.74 -18.65 -20.32
CA CYS C 62 -21.32 -18.75 -19.95
C CYS C 62 -21.05 -19.15 -18.49
N ASP C 63 -20.69 -20.42 -18.33
CA ASP C 63 -20.15 -20.94 -17.10
C ASP C 63 -18.62 -20.78 -17.13
N VAL C 64 -18.05 -19.88 -16.32
CA VAL C 64 -16.58 -19.60 -16.39
C VAL C 64 -15.68 -20.75 -15.92
N ILE C 65 -16.33 -21.86 -15.59
CA ILE C 65 -15.67 -23.09 -15.20
C ILE C 65 -15.34 -23.92 -16.44
N SER C 66 -16.09 -23.68 -17.52
CA SER C 66 -15.98 -24.44 -18.73
C SER C 66 -15.19 -23.67 -19.78
N ASP C 67 -13.96 -24.14 -20.06
CA ASP C 67 -13.12 -23.60 -21.14
C ASP C 67 -13.91 -23.49 -22.45
N GLN C 68 -14.63 -24.57 -22.76
CA GLN C 68 -15.39 -24.67 -24.00
C GLN C 68 -16.57 -23.70 -24.04
N GLU C 69 -17.20 -23.41 -22.90
CA GLU C 69 -18.34 -22.47 -22.88
C GLU C 69 -17.86 -21.07 -23.19
N ILE C 70 -16.71 -20.74 -22.59
CA ILE C 70 -16.04 -19.49 -22.84
C ILE C 70 -15.68 -19.35 -24.33
N LYS C 71 -15.07 -20.36 -24.94
CA LYS C 71 -14.80 -20.24 -26.38
C LYS C 71 -16.09 -19.89 -27.14
N ASP C 72 -17.16 -20.70 -26.91
CA ASP C 72 -18.43 -20.57 -27.64
C ASP C 72 -19.04 -19.21 -27.38
N LEU C 73 -18.76 -18.66 -26.19
CA LEU C 73 -19.26 -17.35 -25.80
C LEU C 73 -18.78 -16.39 -26.83
N PHE C 74 -17.47 -16.37 -27.08
CA PHE C 74 -16.93 -15.42 -28.05
C PHE C 74 -17.17 -15.71 -29.52
N VAL C 75 -17.30 -17.00 -29.89
CA VAL C 75 -17.75 -17.37 -31.25
C VAL C 75 -19.13 -16.78 -31.56
N GLU C 76 -20.04 -16.91 -30.61
CA GLU C 76 -21.39 -16.50 -30.86
C GLU C 76 -21.53 -14.98 -30.80
N LEU C 77 -20.96 -14.37 -29.78
CA LEU C 77 -20.89 -12.92 -29.69
C LEU C 77 -20.26 -12.34 -30.93
N GLY C 78 -19.29 -13.06 -31.51
CA GLY C 78 -18.62 -12.63 -32.74
C GLY C 78 -19.53 -12.56 -33.96
N LYS C 79 -20.56 -13.41 -34.01
CA LYS C 79 -21.54 -13.35 -35.07
C LYS C 79 -22.42 -12.10 -34.96
N VAL C 80 -22.60 -11.59 -33.74
CA VAL C 80 -23.54 -10.46 -33.52
C VAL C 80 -22.85 -9.08 -33.62
N TRP C 81 -21.56 -9.03 -33.29
CA TRP C 81 -20.82 -7.80 -33.14
C TRP C 81 -19.51 -7.71 -33.94
N ASP C 82 -19.29 -6.52 -34.48
CA ASP C 82 -18.10 -6.10 -35.23
C ASP C 82 -16.79 -6.39 -34.47
N GLY C 83 -16.83 -6.08 -33.18
CA GLY C 83 -15.68 -6.15 -32.31
C GLY C 83 -16.29 -6.01 -30.94
N LEU C 84 -15.47 -5.73 -29.92
CA LEU C 84 -15.96 -5.67 -28.55
C LEU C 84 -15.21 -4.57 -27.85
N ASP C 85 -15.91 -3.78 -27.04
CA ASP C 85 -15.31 -2.64 -26.37
C ASP C 85 -14.97 -2.88 -24.93
N ALA C 86 -15.79 -3.62 -24.22
CA ALA C 86 -15.49 -3.89 -22.80
C ALA C 86 -16.07 -5.20 -22.30
N ILE C 87 -15.40 -5.75 -21.29
CA ILE C 87 -15.90 -6.89 -20.52
C ILE C 87 -16.05 -6.45 -19.05
N VAL C 88 -17.24 -6.62 -18.48
CA VAL C 88 -17.41 -6.34 -17.07
C VAL C 88 -17.41 -7.67 -16.28
N HIS C 89 -16.46 -7.83 -15.37
CA HIS C 89 -16.35 -9.08 -14.63
C HIS C 89 -16.87 -8.91 -13.22
N SER C 90 -18.07 -9.42 -12.96
CA SER C 90 -18.66 -9.31 -11.65
C SER C 90 -18.97 -10.71 -11.14
N ILE C 91 -17.97 -11.57 -11.09
CA ILE C 91 -18.19 -12.97 -10.80
C ILE C 91 -17.33 -13.38 -9.62
N ALA C 92 -17.96 -13.93 -8.58
CA ALA C 92 -17.20 -14.44 -7.43
C ALA C 92 -17.86 -15.68 -6.91
N PHE C 93 -17.06 -16.65 -6.49
CA PHE C 93 -17.61 -17.80 -5.79
C PHE C 93 -16.58 -18.44 -4.90
N ALA C 94 -17.05 -18.87 -3.72
CA ALA C 94 -16.29 -19.72 -2.82
C ALA C 94 -17.24 -20.78 -2.24
N PRO C 95 -16.76 -22.02 -2.04
CA PRO C 95 -17.64 -22.96 -1.35
C PRO C 95 -18.07 -22.43 0.01
N ARG C 96 -19.23 -22.87 0.49
CA ARG C 96 -19.81 -22.34 1.72
C ARG C 96 -18.89 -22.66 2.89
N ASP C 97 -18.39 -23.89 2.95
CA ASP C 97 -17.50 -24.30 4.03
C ASP C 97 -16.22 -23.40 4.16
N GLN C 98 -15.98 -22.54 3.17
CA GLN C 98 -14.80 -21.69 3.17
C GLN C 98 -15.01 -20.34 3.83
N LEU C 99 -16.19 -20.11 4.39
CA LEU C 99 -16.55 -18.72 4.71
C LEU C 99 -17.13 -18.49 6.10
N GLU C 100 -17.14 -19.53 6.94
CA GLU C 100 -17.82 -19.40 8.22
C GLU C 100 -17.00 -19.85 9.42
N GLY C 101 -15.89 -19.16 9.63
CA GLY C 101 -15.07 -19.44 10.79
C GLY C 101 -13.63 -18.99 10.75
N ASN C 102 -12.84 -19.67 11.55
CA ASN C 102 -11.43 -19.47 11.56
C ASN C 102 -10.89 -19.92 10.21
N PHE C 103 -10.14 -19.02 9.57
CA PHE C 103 -9.66 -19.25 8.23
C PHE C 103 -8.98 -20.60 8.05
N ILE C 104 -8.07 -20.92 8.98
CA ILE C 104 -7.26 -22.13 8.93
C ILE C 104 -8.02 -23.44 9.22
N ASP C 105 -9.01 -23.39 10.10
CA ASP C 105 -9.90 -24.52 10.25
C ASP C 105 -10.68 -24.76 8.93
N CYS C 106 -11.17 -23.70 8.33
CA CYS C 106 -12.05 -23.85 7.17
C CYS C 106 -11.37 -24.28 5.87
N VAL C 107 -10.22 -23.68 5.59
CA VAL C 107 -9.65 -23.67 4.23
C VAL C 107 -9.29 -25.07 3.79
N THR C 108 -9.54 -25.39 2.52
CA THR C 108 -9.29 -26.73 1.96
C THR C 108 -8.65 -26.60 0.61
N ARG C 109 -8.00 -27.68 0.15
CA ARG C 109 -7.35 -27.63 -1.16
C ARG C 109 -8.39 -27.36 -2.25
N GLU C 110 -9.47 -28.17 -2.25
CA GLU C 110 -10.51 -28.02 -3.27
C GLU C 110 -11.15 -26.67 -3.17
N GLY C 111 -11.44 -26.23 -1.95
CA GLY C 111 -12.03 -24.91 -1.76
C GLY C 111 -11.15 -23.81 -2.31
N PHE C 112 -9.92 -23.75 -1.80
CA PHE C 112 -8.94 -22.77 -2.25
C PHE C 112 -8.81 -22.66 -3.77
N SER C 113 -8.87 -23.79 -4.47
CA SER C 113 -8.66 -23.74 -5.90
C SER C 113 -9.97 -23.49 -6.66
N ILE C 114 -11.07 -24.07 -6.18
CA ILE C 114 -12.39 -23.70 -6.70
C ILE C 114 -12.55 -22.19 -6.62
N ALA C 115 -12.31 -21.64 -5.43
CA ALA C 115 -12.42 -20.21 -5.19
C ALA C 115 -11.58 -19.35 -6.15
N HIS C 116 -10.37 -19.80 -6.48
CA HIS C 116 -9.46 -19.03 -7.31
C HIS C 116 -9.80 -19.10 -8.80
N ASP C 117 -10.19 -20.28 -9.24
CA ASP C 117 -10.65 -20.57 -10.60
C ASP C 117 -11.81 -19.68 -11.07
N ILE C 118 -12.88 -19.65 -10.27
CA ILE C 118 -14.06 -18.87 -10.57
C ILE C 118 -13.84 -17.39 -10.30
N SER C 119 -13.28 -17.05 -9.15
CA SER C 119 -13.15 -15.65 -8.74
C SER C 119 -11.95 -14.94 -9.34
N ALA C 120 -10.90 -15.65 -9.71
CA ALA C 120 -9.69 -14.96 -10.18
C ALA C 120 -9.27 -15.34 -11.60
N TYR C 121 -9.05 -16.63 -11.84
CA TYR C 121 -8.67 -17.12 -13.18
C TYR C 121 -9.62 -16.67 -14.30
N SER C 122 -10.91 -16.97 -14.12
CA SER C 122 -11.98 -16.62 -15.07
C SER C 122 -11.82 -15.25 -15.72
N PHE C 123 -11.17 -14.32 -15.00
CA PHE C 123 -10.89 -12.97 -15.52
C PHE C 123 -9.86 -12.97 -16.66
N ALA C 124 -8.71 -13.57 -16.39
CA ALA C 124 -7.73 -13.86 -17.41
C ALA C 124 -8.36 -14.71 -18.53
N ALA C 125 -9.22 -15.67 -18.13
CA ALA C 125 -9.86 -16.61 -19.06
C ALA C 125 -10.70 -15.86 -20.08
N LEU C 126 -11.46 -14.88 -19.57
CA LEU C 126 -12.31 -14.08 -20.42
C LEU C 126 -11.46 -13.22 -21.33
N ALA C 127 -10.52 -12.48 -20.72
CA ALA C 127 -9.53 -11.71 -21.47
C ALA C 127 -8.95 -12.52 -22.63
N LYS C 128 -8.42 -13.70 -22.34
CA LYS C 128 -7.88 -14.61 -23.37
C LYS C 128 -8.77 -14.76 -24.56
N GLU C 129 -9.99 -15.24 -24.36
CA GLU C 129 -10.83 -15.64 -25.49
C GLU C 129 -11.51 -14.45 -26.15
N GLY C 130 -11.79 -13.42 -25.36
CA GLY C 130 -12.34 -12.20 -25.92
C GLY C 130 -11.31 -11.18 -26.36
N ARG C 131 -10.03 -11.46 -26.17
CA ARG C 131 -8.99 -10.50 -26.57
C ARG C 131 -9.16 -10.06 -28.01
N SER C 132 -9.26 -11.04 -28.89
CA SER C 132 -9.29 -10.82 -30.31
C SER C 132 -10.30 -9.81 -30.83
N MET C 133 -11.44 -9.67 -30.16
CA MET C 133 -12.51 -8.74 -30.58
C MET C 133 -12.22 -7.32 -30.08
N MET C 134 -11.27 -7.21 -29.16
CA MET C 134 -10.99 -5.93 -28.53
C MET C 134 -9.77 -5.20 -29.10
N LYS C 135 -9.06 -5.85 -30.02
CA LYS C 135 -7.83 -5.33 -30.55
C LYS C 135 -8.00 -3.91 -31.08
N ASN C 136 -7.24 -2.97 -30.50
CA ASN C 136 -7.18 -1.55 -30.96
C ASN C 136 -8.49 -0.84 -31.23
N ARG C 137 -9.23 -0.56 -30.17
CA ARG C 137 -10.41 0.27 -30.28
C ARG C 137 -10.65 0.94 -28.93
N ASN C 138 -9.54 1.30 -28.28
CA ASN C 138 -9.53 1.83 -26.94
C ASN C 138 -10.41 1.00 -26.04
N ALA C 139 -10.29 -0.32 -26.14
CA ALA C 139 -11.18 -1.21 -25.37
C ALA C 139 -10.78 -1.27 -23.90
N SER C 140 -11.68 -1.78 -23.07
CA SER C 140 -11.52 -1.75 -21.63
C SER C 140 -11.96 -3.06 -20.97
N MET C 141 -11.31 -3.44 -19.89
CA MET C 141 -11.82 -4.49 -18.98
C MET C 141 -11.91 -3.94 -17.54
N VAL C 142 -12.99 -4.32 -16.84
CA VAL C 142 -13.19 -3.96 -15.43
C VAL C 142 -13.62 -5.17 -14.61
N ALA C 143 -12.91 -5.37 -13.49
CA ALA C 143 -13.27 -6.39 -12.50
C ALA C 143 -13.84 -5.75 -11.26
N LEU C 144 -14.70 -6.49 -10.57
CA LEU C 144 -15.12 -6.06 -9.24
C LEU C 144 -14.41 -6.84 -8.14
N THR C 145 -13.70 -6.09 -7.31
CA THR C 145 -12.98 -6.67 -6.17
C THR C 145 -13.50 -6.10 -4.85
N TYR C 146 -12.89 -6.53 -3.74
CA TYR C 146 -13.30 -6.10 -2.41
C TYR C 146 -12.11 -5.98 -1.45
N ILE C 147 -12.12 -4.92 -0.61
CA ILE C 147 -10.97 -4.55 0.23
C ILE C 147 -10.30 -5.69 1.03
N GLY C 148 -11.00 -6.81 1.20
CA GLY C 148 -10.45 -8.00 1.89
C GLY C 148 -9.37 -8.71 1.07
N ALA C 149 -9.09 -8.19 -0.12
CA ALA C 149 -7.89 -8.54 -0.85
C ALA C 149 -6.65 -7.89 -0.19
N GLU C 150 -6.84 -6.69 0.37
CA GLU C 150 -5.74 -5.92 0.91
C GLU C 150 -5.47 -6.22 2.39
N LYS C 151 -6.55 -6.45 3.13
CA LYS C 151 -6.50 -6.59 4.59
C LYS C 151 -7.25 -7.86 4.97
N ALA C 152 -7.09 -8.36 6.19
CA ALA C 152 -7.88 -9.54 6.57
C ALA C 152 -9.15 -9.17 7.36
N MET C 153 -10.27 -9.82 7.02
CA MET C 153 -11.49 -9.71 7.81
C MET C 153 -11.80 -11.07 8.36
N PRO C 154 -12.59 -11.13 9.45
CA PRO C 154 -13.08 -12.43 9.86
C PRO C 154 -13.99 -13.05 8.81
N SER C 155 -13.76 -14.34 8.57
CA SER C 155 -14.58 -15.28 7.77
C SER C 155 -14.64 -15.08 6.25
N TYR C 156 -14.31 -13.88 5.79
CA TYR C 156 -14.18 -13.63 4.35
C TYR C 156 -13.12 -14.57 3.79
N ASN C 157 -12.32 -15.09 4.71
CA ASN C 157 -11.31 -16.11 4.47
C ASN C 157 -10.88 -16.34 3.02
N THR C 158 -11.04 -17.58 2.58
CA THR C 158 -10.64 -17.96 1.24
C THR C 158 -11.02 -16.91 0.21
N MET C 159 -12.18 -16.28 0.35
CA MET C 159 -12.54 -15.27 -0.64
C MET C 159 -11.56 -14.08 -0.69
N GLY C 160 -11.02 -13.70 0.46
CA GLY C 160 -10.11 -12.56 0.54
C GLY C 160 -8.82 -12.90 -0.17
N VAL C 161 -8.38 -14.13 -0.02
CA VAL C 161 -7.22 -14.64 -0.77
C VAL C 161 -7.46 -14.59 -2.28
N ALA C 162 -8.58 -15.19 -2.70
CA ALA C 162 -8.99 -15.20 -4.10
C ALA C 162 -9.01 -13.80 -4.64
N LYS C 163 -9.80 -12.92 -4.01
CA LYS C 163 -9.92 -11.53 -4.43
C LYS C 163 -8.56 -10.87 -4.56
N ALA C 164 -7.66 -11.17 -3.62
CA ALA C 164 -6.27 -10.77 -3.77
C ALA C 164 -5.67 -11.33 -5.05
N SER C 165 -5.86 -12.62 -5.28
CA SER C 165 -5.34 -13.20 -6.50
C SER C 165 -5.96 -12.48 -7.71
N LEU C 166 -7.28 -12.19 -7.68
CA LEU C 166 -7.94 -11.48 -8.79
C LEU C 166 -7.23 -10.18 -9.09
N GLU C 167 -7.03 -9.39 -8.04
CA GLU C 167 -6.36 -8.12 -8.12
C GLU C 167 -4.97 -8.15 -8.77
N ALA C 168 -4.19 -9.21 -8.54
CA ALA C 168 -2.91 -9.34 -9.25
C ALA C 168 -3.16 -9.61 -10.75
N THR C 169 -4.08 -10.53 -11.01
CA THR C 169 -4.48 -10.86 -12.36
C THR C 169 -4.87 -9.59 -13.11
N VAL C 170 -5.59 -8.70 -12.44
CA VAL C 170 -5.99 -7.47 -13.10
C VAL C 170 -4.72 -6.74 -13.53
N ARG C 171 -3.76 -6.59 -12.61
CA ARG C 171 -2.43 -6.02 -12.92
C ARG C 171 -1.69 -6.68 -14.11
N TYR C 172 -1.58 -8.01 -14.10
CA TYR C 172 -0.90 -8.72 -15.19
C TYR C 172 -1.63 -8.67 -16.53
N THR C 173 -2.95 -8.77 -16.49
CA THR C 173 -3.77 -8.61 -17.67
C THR C 173 -3.54 -7.21 -18.24
N ALA C 174 -3.58 -6.18 -17.38
CA ALA C 174 -3.25 -4.82 -17.80
C ALA C 174 -1.95 -4.69 -18.59
N LEU C 175 -0.89 -5.34 -18.10
CA LEU C 175 0.37 -5.32 -18.85
C LEU C 175 0.36 -6.22 -20.09
N ALA C 176 -0.28 -7.37 -20.00
CA ALA C 176 -0.38 -8.28 -21.14
C ALA C 176 -1.11 -7.65 -22.29
N LEU C 177 -2.12 -6.81 -22.01
CA LEU C 177 -3.03 -6.34 -23.03
C LEU C 177 -2.93 -4.88 -23.49
N GLY C 178 -2.14 -4.06 -22.80
CA GLY C 178 -2.09 -2.63 -23.12
C GLY C 178 -1.48 -2.33 -24.48
N GLU C 179 -0.65 -3.26 -24.98
CA GLU C 179 -0.07 -3.12 -26.30
C GLU C 179 -1.14 -3.09 -27.39
N ASP C 180 -2.37 -3.48 -27.04
CA ASP C 180 -3.51 -3.50 -27.97
C ASP C 180 -4.49 -2.38 -27.60
N GLY C 181 -3.99 -1.43 -26.80
CA GLY C 181 -4.79 -0.31 -26.31
C GLY C 181 -5.91 -0.62 -25.30
N ILE C 182 -5.77 -1.70 -24.54
CA ILE C 182 -6.87 -2.10 -23.65
C ILE C 182 -6.58 -1.72 -22.19
N LYS C 183 -7.48 -0.91 -21.62
CA LYS C 183 -7.41 -0.66 -20.20
C LYS C 183 -8.07 -1.79 -19.38
N VAL C 184 -7.45 -2.11 -18.25
CA VAL C 184 -7.82 -3.28 -17.49
C VAL C 184 -7.79 -2.80 -16.04
N ASN C 185 -8.97 -2.57 -15.46
CA ASN C 185 -9.04 -2.05 -14.10
C ASN C 185 -9.99 -2.77 -13.16
N ALA C 186 -10.07 -2.27 -11.93
CA ALA C 186 -10.93 -2.88 -10.94
C ALA C 186 -11.57 -1.81 -10.03
N VAL C 187 -12.81 -2.11 -9.63
CA VAL C 187 -13.52 -1.29 -8.69
C VAL C 187 -13.68 -2.16 -7.43
N SER C 188 -13.07 -1.73 -6.34
CA SER C 188 -13.24 -2.38 -5.05
C SER C 188 -14.47 -1.74 -4.48
N ALA C 189 -15.60 -2.40 -4.61
CA ALA C 189 -16.86 -1.88 -4.09
C ALA C 189 -16.93 -2.06 -2.59
N GLY C 190 -17.56 -1.12 -1.91
CA GLY C 190 -17.93 -1.30 -0.51
C GLY C 190 -19.18 -2.17 -0.42
N PRO C 191 -19.51 -2.64 0.79
CA PRO C 191 -20.78 -3.35 0.79
C PRO C 191 -21.88 -2.32 0.50
N ILE C 192 -22.92 -2.75 -0.21
CA ILE C 192 -24.07 -1.86 -0.55
C ILE C 192 -25.00 -1.61 0.65
N ASP C 208 -25.00 -2.61 9.92
CA ASP C 208 -23.73 -2.25 9.31
C ASP C 208 -22.99 -1.17 10.12
N TYR C 209 -21.68 -1.04 9.85
CA TYR C 209 -20.88 0.06 10.38
C TYR C 209 -19.78 0.56 9.43
N ASN C 210 -19.72 -0.01 8.22
CA ASN C 210 -19.12 0.69 7.08
C ASN C 210 -19.90 2.02 6.91
N ALA C 211 -21.09 2.10 7.51
CA ALA C 211 -21.89 3.34 7.52
C ALA C 211 -21.62 4.24 8.72
N MET C 212 -20.63 3.88 9.53
CA MET C 212 -20.34 4.58 10.76
C MET C 212 -18.87 4.93 10.85
N VAL C 213 -18.07 4.25 10.03
CA VAL C 213 -16.61 4.40 10.04
C VAL C 213 -16.10 5.13 8.81
N SER C 214 -16.73 4.86 7.66
CA SER C 214 -16.41 5.51 6.42
C SER C 214 -16.51 7.01 6.66
N PRO C 215 -15.61 7.80 6.07
CA PRO C 215 -15.67 9.25 6.19
C PRO C 215 -17.03 9.82 5.82
N LEU C 216 -17.64 9.28 4.76
CA LEU C 216 -18.91 9.75 4.22
C LEU C 216 -20.12 9.15 4.90
N LYS C 217 -19.89 8.30 5.89
CA LYS C 217 -20.93 7.88 6.83
C LYS C 217 -22.15 7.32 6.10
N LYS C 218 -21.93 6.29 5.29
CA LYS C 218 -23.00 5.75 4.47
C LYS C 218 -22.51 4.53 3.72
N ASN C 219 -23.45 3.76 3.18
CA ASN C 219 -23.11 2.64 2.35
C ASN C 219 -23.26 3.04 0.91
N VAL C 220 -22.29 2.75 0.08
CA VAL C 220 -22.39 3.15 -1.31
C VAL C 220 -23.49 2.33 -1.96
N ASP C 221 -24.10 2.85 -3.02
CA ASP C 221 -25.21 2.16 -3.69
C ASP C 221 -24.89 1.77 -5.15
N ILE C 222 -25.62 0.80 -5.71
CA ILE C 222 -25.17 0.20 -6.97
C ILE C 222 -24.95 1.22 -8.07
N MET C 223 -25.70 2.31 -8.05
CA MET C 223 -25.49 3.36 -9.04
C MET C 223 -24.12 3.99 -8.91
N GLU C 224 -23.67 4.19 -7.67
CA GLU C 224 -22.37 4.78 -7.41
C GLU C 224 -21.24 3.87 -7.94
N VAL C 225 -21.41 2.55 -7.79
CA VAL C 225 -20.48 1.61 -8.39
C VAL C 225 -20.67 1.55 -9.91
N GLY C 226 -21.92 1.50 -10.35
CA GLY C 226 -22.20 1.34 -11.77
C GLY C 226 -21.62 2.47 -12.59
N ASN C 227 -21.93 3.67 -12.15
CA ASN C 227 -21.42 4.89 -12.73
C ASN C 227 -19.88 4.90 -12.84
N THR C 228 -19.17 4.48 -11.79
CA THR C 228 -17.70 4.33 -11.85
C THR C 228 -17.23 3.33 -12.91
N VAL C 229 -17.80 2.14 -12.89
CA VAL C 229 -17.42 1.12 -13.85
C VAL C 229 -17.67 1.66 -15.26
N ALA C 230 -18.78 2.36 -15.46
CA ALA C 230 -19.08 2.95 -16.76
C ALA C 230 -17.95 3.90 -17.15
N PHE C 231 -17.55 4.76 -16.22
CA PHE C 231 -16.54 5.72 -16.51
C PHE C 231 -15.26 5.02 -16.92
N LEU C 232 -14.97 3.88 -16.30
CA LEU C 232 -13.75 3.10 -16.64
C LEU C 232 -13.79 2.41 -18.02
N CYS C 233 -14.91 2.54 -18.72
CA CYS C 233 -15.04 2.06 -20.06
C CYS C 233 -15.37 3.21 -21.04
N SER C 234 -15.36 4.44 -20.53
CA SER C 234 -15.47 5.63 -21.33
C SER C 234 -14.11 5.94 -21.92
N ASP C 235 -14.12 6.71 -23.01
CA ASP C 235 -12.88 7.15 -23.63
C ASP C 235 -12.11 8.16 -22.73
N MET C 236 -12.77 8.64 -21.69
CA MET C 236 -12.17 9.59 -20.74
C MET C 236 -11.16 8.89 -19.84
N ALA C 237 -11.23 7.56 -19.76
CA ALA C 237 -10.41 6.84 -18.80
C ALA C 237 -9.19 6.15 -19.42
N THR C 238 -8.80 6.59 -20.61
CA THR C 238 -7.75 5.93 -21.41
C THR C 238 -6.31 5.96 -20.88
N GLY C 239 -6.05 6.80 -19.88
CA GLY C 239 -4.73 6.89 -19.29
C GLY C 239 -4.66 6.19 -17.94
N ILE C 240 -5.76 5.54 -17.55
CA ILE C 240 -5.84 4.82 -16.29
C ILE C 240 -5.82 3.36 -16.60
N THR C 241 -4.75 2.66 -16.24
CA THR C 241 -4.73 1.19 -16.38
C THR C 241 -4.08 0.45 -15.20
N GLY C 242 -4.64 -0.72 -14.90
CA GLY C 242 -4.12 -1.59 -13.84
C GLY C 242 -4.46 -1.03 -12.47
N GLU C 243 -5.37 -0.06 -12.47
CA GLU C 243 -5.74 0.62 -11.24
C GLU C 243 -6.70 -0.25 -10.41
N VAL C 244 -6.85 0.09 -9.13
CA VAL C 244 -7.95 -0.40 -8.33
C VAL C 244 -8.62 0.82 -7.71
N VAL C 245 -9.89 1.05 -8.09
CA VAL C 245 -10.61 2.25 -7.63
C VAL C 245 -11.67 1.95 -6.57
N HIS C 246 -11.42 2.38 -5.34
CA HIS C 246 -12.36 2.13 -4.25
C HIS C 246 -13.65 2.97 -4.33
N VAL C 247 -14.78 2.32 -4.55
CA VAL C 247 -16.06 3.02 -4.40
C VAL C 247 -16.73 2.51 -3.13
N ASP C 248 -16.24 3.04 -2.00
CA ASP C 248 -16.57 2.52 -0.67
C ASP C 248 -16.72 3.62 0.39
N ALA C 249 -17.36 4.73 0.00
CA ALA C 249 -17.62 5.86 0.90
C ALA C 249 -16.37 6.31 1.67
N GLY C 250 -15.20 5.92 1.13
CA GLY C 250 -13.89 6.31 1.64
C GLY C 250 -13.36 5.43 2.76
N TYR C 251 -14.03 4.30 3.00
CA TYR C 251 -13.65 3.33 4.04
C TYR C 251 -12.16 2.89 4.05
N HIS C 252 -11.58 2.80 2.85
CA HIS C 252 -10.22 2.28 2.67
C HIS C 252 -9.13 3.19 3.24
N CYS C 253 -9.42 4.49 3.33
CA CYS C 253 -8.36 5.46 3.60
C CYS C 253 -8.35 5.95 5.02
N VAL C 254 -8.67 5.05 5.92
CA VAL C 254 -9.14 5.45 7.24
C VAL C 254 -8.86 4.30 8.19
N SER C 255 -8.75 4.61 9.47
CA SER C 255 -8.44 3.60 10.48
C SER C 255 -9.21 4.11 11.67
N MET C 256 -10.47 3.70 11.73
CA MET C 256 -11.46 4.51 12.38
C MET C 256 -12.48 3.74 13.20
N GLY C 257 -12.21 2.45 13.39
CA GLY C 257 -13.02 1.67 14.31
C GLY C 257 -12.86 2.17 15.73
N ASN C 258 -13.90 1.93 16.53
CA ASN C 258 -13.79 2.04 17.99
C ASN C 258 -14.66 1.05 18.77
N VAL C 259 -14.23 0.73 19.98
CA VAL C 259 -14.87 -0.30 20.79
C VAL C 259 -16.27 0.14 21.25
N LEU C 260 -17.27 -0.66 20.89
CA LEU C 260 -18.66 -0.36 21.22
C LEU C 260 -19.11 -1.23 22.37
N LEU C 261 -19.64 -0.53 23.29
CA LEU C 261 -19.99 -1.19 24.55
C LEU C 261 -21.46 -1.62 24.65
N GLU C 262 -21.70 -2.72 25.36
CA GLU C 262 -23.04 -3.03 25.88
C GLU C 262 -23.06 -3.18 27.41
N HIS C 263 -23.96 -2.48 27.85
CA HIS C 263 -23.95 -2.35 29.31
C HIS C 263 -24.81 -3.40 30.03
N HIS C 264 -24.21 -4.07 31.01
CA HIS C 264 -24.93 -5.06 31.81
C HIS C 264 -25.00 -4.54 33.23
N HIS C 265 -26.21 -4.42 33.75
CA HIS C 265 -26.40 -3.78 35.05
C HIS C 265 -27.03 -4.74 36.06
N HIS C 266 -26.28 -5.09 37.11
CA HIS C 266 -26.76 -6.03 38.12
C HIS C 266 -26.98 -5.28 39.41
N HIS C 267 -28.17 -5.42 39.99
CA HIS C 267 -28.57 -4.68 41.19
C HIS C 267 -28.51 -5.55 42.45
N HIS C 268 -27.86 -5.03 43.50
CA HIS C 268 -27.59 -5.74 44.79
C HIS C 268 -26.79 -7.05 44.65
N GLY D 2 -24.02 18.08 -20.16
CA GLY D 2 -22.76 17.64 -19.53
C GLY D 2 -23.00 17.14 -18.14
N PHE D 3 -22.15 16.22 -17.67
CA PHE D 3 -22.30 15.69 -16.33
C PHE D 3 -21.83 16.63 -15.23
N LEU D 4 -21.53 17.87 -15.59
CA LEU D 4 -21.19 18.86 -14.59
C LEU D 4 -22.07 20.11 -14.68
N ALA D 5 -23.20 19.99 -15.38
CA ALA D 5 -24.07 21.13 -15.64
C ALA D 5 -24.40 21.95 -14.38
N GLY D 6 -24.11 23.25 -14.43
CA GLY D 6 -24.61 24.18 -13.43
C GLY D 6 -23.80 24.23 -12.16
N LYS D 7 -22.99 23.20 -11.95
CA LYS D 7 -22.03 23.16 -10.87
C LYS D 7 -20.99 24.29 -10.92
N LYS D 8 -20.62 24.82 -9.76
CA LYS D 8 -19.66 25.93 -9.68
C LYS D 8 -18.28 25.47 -9.23
N ILE D 9 -17.28 25.55 -10.10
CA ILE D 9 -15.96 25.01 -9.78
C ILE D 9 -14.83 26.02 -9.85
N LEU D 10 -13.95 25.96 -8.86
CA LEU D 10 -12.84 26.88 -8.79
C LEU D 10 -11.59 26.14 -9.20
N ILE D 11 -10.97 26.58 -10.29
CA ILE D 11 -9.76 25.92 -10.79
C ILE D 11 -8.53 26.78 -10.54
N THR D 12 -7.64 26.25 -9.69
CA THR D 12 -6.33 26.84 -9.41
C THR D 12 -5.26 26.24 -10.33
N GLY D 13 -4.16 26.97 -10.54
CA GLY D 13 -2.98 26.43 -11.21
C GLY D 13 -2.90 26.63 -12.71
N LEU D 14 -3.79 27.42 -13.28
CA LEU D 14 -3.77 27.60 -14.72
C LEU D 14 -2.69 28.58 -15.07
N LEU D 15 -1.63 28.11 -15.72
CA LEU D 15 -0.54 29.01 -16.10
C LEU D 15 -0.31 29.07 -17.59
N SER D 16 -0.44 27.95 -18.28
CA SER D 16 -0.28 28.03 -19.70
C SER D 16 -1.21 27.10 -20.46
N ASN D 17 -1.12 27.29 -21.76
CA ASN D 17 -1.64 26.42 -22.80
C ASN D 17 -1.50 24.92 -22.49
N LYS D 18 -0.43 24.57 -21.78
CA LYS D 18 -0.04 23.18 -21.59
C LYS D 18 -0.23 22.65 -20.16
N SER D 19 -0.69 23.53 -19.29
CA SER D 19 -0.95 23.20 -17.90
C SER D 19 -1.96 22.07 -17.75
N ILE D 20 -1.68 21.12 -16.87
CA ILE D 20 -2.69 20.13 -16.54
C ILE D 20 -3.97 20.89 -16.26
N ALA D 21 -3.90 21.89 -15.37
CA ALA D 21 -5.08 22.72 -15.09
C ALA D 21 -5.89 23.08 -16.37
N TYR D 22 -5.20 23.26 -17.50
CA TYR D 22 -5.88 23.62 -18.73
C TYR D 22 -6.77 22.47 -19.21
N GLY D 23 -6.19 21.28 -19.34
CA GLY D 23 -6.95 20.09 -19.67
C GLY D 23 -8.15 19.97 -18.74
N ILE D 24 -7.95 20.28 -17.47
CA ILE D 24 -9.05 20.23 -16.53
C ILE D 24 -10.12 21.23 -16.95
N ALA D 25 -9.76 22.50 -17.05
CA ALA D 25 -10.72 23.50 -17.48
C ALA D 25 -11.48 23.01 -18.71
N LYS D 26 -10.73 22.61 -19.73
CA LYS D 26 -11.34 22.18 -20.96
C LYS D 26 -12.36 21.08 -20.70
N ALA D 27 -11.99 20.02 -19.98
CA ALA D 27 -12.95 18.97 -19.73
C ALA D 27 -14.17 19.57 -19.05
N MET D 28 -13.94 20.31 -17.98
CA MET D 28 -15.06 20.86 -17.22
C MET D 28 -16.00 21.75 -18.02
N HIS D 29 -15.46 22.69 -18.79
CA HIS D 29 -16.28 23.59 -19.58
C HIS D 29 -17.20 22.77 -20.45
N ARG D 30 -16.65 21.69 -21.00
CA ARG D 30 -17.33 20.80 -21.93
C ARG D 30 -18.52 20.21 -21.23
N GLU D 31 -18.32 19.77 -20.01
CA GLU D 31 -19.40 19.16 -19.25
C GLU D 31 -20.29 20.24 -18.62
N GLY D 32 -20.10 21.47 -19.10
CA GLY D 32 -20.98 22.59 -18.84
C GLY D 32 -20.98 23.07 -17.41
N ALA D 33 -19.88 22.87 -16.69
CA ALA D 33 -19.71 23.45 -15.35
C ALA D 33 -19.62 24.97 -15.48
N GLU D 34 -19.44 25.65 -14.35
CA GLU D 34 -19.28 27.11 -14.28
C GLU D 34 -17.96 27.40 -13.58
N LEU D 35 -17.12 28.23 -14.19
CA LEU D 35 -15.69 28.21 -13.86
C LEU D 35 -15.06 29.50 -13.34
N ALA D 36 -14.14 29.36 -12.39
CA ALA D 36 -13.40 30.50 -11.88
C ALA D 36 -11.94 30.15 -11.68
N PHE D 37 -11.08 31.17 -11.75
CA PHE D 37 -9.66 30.95 -11.85
C PHE D 37 -8.81 31.84 -10.95
N THR D 38 -7.74 31.27 -10.41
CA THR D 38 -6.80 32.01 -9.59
C THR D 38 -5.46 32.15 -10.30
N TYR D 39 -4.80 33.26 -10.03
CA TYR D 39 -3.47 33.50 -10.51
C TYR D 39 -2.58 33.95 -9.34
N VAL D 40 -1.28 33.83 -9.53
CA VAL D 40 -0.30 34.16 -8.53
C VAL D 40 0.51 35.29 -9.09
N GLY D 41 0.85 36.26 -8.24
CA GLY D 41 1.81 37.30 -8.61
C GLY D 41 1.40 38.13 -9.80
N GLN D 42 2.33 38.30 -10.75
CA GLN D 42 2.18 39.25 -11.88
C GLN D 42 1.70 38.59 -13.15
N PHE D 43 0.92 37.53 -12.98
CA PHE D 43 0.29 36.82 -14.07
C PHE D 43 -1.21 37.16 -14.22
N LYS D 44 -1.67 38.28 -13.67
CA LYS D 44 -3.08 38.60 -13.83
C LYS D 44 -3.35 38.51 -15.32
N ASP D 45 -2.58 39.30 -16.06
CA ASP D 45 -2.63 39.35 -17.51
C ASP D 45 -2.67 37.98 -18.22
N ARG D 46 -1.58 37.23 -18.08
CA ARG D 46 -1.42 35.90 -18.70
C ARG D 46 -2.65 34.99 -18.59
N VAL D 47 -3.21 34.85 -17.40
CA VAL D 47 -4.31 33.90 -17.22
C VAL D 47 -5.67 34.35 -17.74
N GLU D 48 -6.02 35.63 -17.57
CA GLU D 48 -7.33 36.04 -18.05
C GLU D 48 -7.45 35.93 -19.56
N LYS D 49 -6.35 36.26 -20.25
CA LYS D 49 -6.18 35.92 -21.66
C LYS D 49 -6.47 34.41 -21.85
N LEU D 50 -5.83 33.57 -21.03
CA LEU D 50 -5.85 32.13 -21.22
C LEU D 50 -7.22 31.53 -21.06
N CYS D 51 -7.93 31.98 -20.04
CA CYS D 51 -9.15 31.30 -19.66
C CYS D 51 -10.40 31.98 -20.20
N ALA D 52 -10.20 32.98 -21.06
CA ALA D 52 -11.32 33.68 -21.71
C ALA D 52 -12.31 32.70 -22.33
N GLU D 53 -11.79 31.66 -22.97
CA GLU D 53 -12.60 30.68 -23.72
C GLU D 53 -13.56 29.86 -22.86
N PHE D 54 -13.35 29.94 -21.55
CA PHE D 54 -14.13 29.19 -20.60
C PHE D 54 -15.25 30.02 -20.00
N ASN D 55 -15.37 31.29 -20.45
CA ASN D 55 -16.38 32.22 -19.97
C ASN D 55 -16.39 32.30 -18.46
N PRO D 56 -15.26 32.75 -17.89
CA PRO D 56 -15.06 32.63 -16.44
C PRO D 56 -16.01 33.53 -15.66
N ALA D 57 -16.56 33.01 -14.56
CA ALA D 57 -17.34 33.81 -13.61
C ALA D 57 -16.46 34.85 -12.88
N ALA D 58 -15.21 34.46 -12.63
CA ALA D 58 -14.24 35.34 -11.98
C ALA D 58 -12.80 34.90 -12.26
N VAL D 59 -11.87 35.85 -12.23
CA VAL D 59 -10.44 35.58 -12.29
C VAL D 59 -9.80 36.33 -11.14
N LEU D 60 -9.35 35.60 -10.14
CA LEU D 60 -8.99 36.23 -8.86
C LEU D 60 -7.59 35.88 -8.38
N PRO D 61 -6.87 36.87 -7.80
CA PRO D 61 -5.53 36.59 -7.26
C PRO D 61 -5.63 35.60 -6.12
N CYS D 62 -4.67 34.67 -6.08
CA CYS D 62 -4.50 33.78 -4.91
C CYS D 62 -3.08 33.23 -4.82
N ASP D 63 -2.24 33.87 -4.00
CA ASP D 63 -0.95 33.29 -3.66
C ASP D 63 -1.08 32.49 -2.35
N VAL D 64 -1.10 31.17 -2.47
CA VAL D 64 -1.36 30.29 -1.33
C VAL D 64 -0.27 30.37 -0.25
N ILE D 65 0.61 31.35 -0.40
CA ILE D 65 1.62 31.71 0.58
C ILE D 65 0.91 32.51 1.64
N SER D 66 -0.03 33.33 1.18
CA SER D 66 -0.68 34.33 2.02
C SER D 66 -2.00 33.85 2.56
N ASP D 67 -2.21 34.02 3.86
CA ASP D 67 -3.47 33.68 4.48
C ASP D 67 -4.54 34.71 4.12
N GLN D 68 -4.23 36.00 4.21
CA GLN D 68 -5.20 37.03 3.85
C GLN D 68 -5.66 36.86 2.41
N GLU D 69 -4.75 36.48 1.51
CA GLU D 69 -5.12 36.27 0.10
C GLU D 69 -6.07 35.10 -0.09
N ILE D 70 -5.87 34.04 0.68
CA ILE D 70 -6.76 32.89 0.65
C ILE D 70 -8.13 33.25 1.24
N LYS D 71 -8.15 34.02 2.31
CA LYS D 71 -9.41 34.59 2.78
C LYS D 71 -10.10 35.36 1.67
N ASP D 72 -9.54 36.50 1.26
CA ASP D 72 -10.17 37.41 0.28
C ASP D 72 -10.70 36.68 -0.94
N LEU D 73 -9.95 35.68 -1.38
CA LEU D 73 -10.31 34.86 -2.53
C LEU D 73 -11.75 34.42 -2.44
N PHE D 74 -12.13 33.93 -1.26
CA PHE D 74 -13.49 33.45 -1.07
C PHE D 74 -14.50 34.54 -0.73
N VAL D 75 -14.03 35.62 -0.10
CA VAL D 75 -14.92 36.73 0.22
C VAL D 75 -15.35 37.31 -1.11
N GLU D 76 -14.43 37.34 -2.08
CA GLU D 76 -14.73 37.92 -3.41
C GLU D 76 -15.48 36.94 -4.28
N LEU D 77 -15.18 35.66 -4.11
CA LEU D 77 -15.90 34.62 -4.83
C LEU D 77 -17.35 34.62 -4.37
N GLY D 78 -17.53 34.92 -3.08
CA GLY D 78 -18.85 34.96 -2.45
C GLY D 78 -19.69 36.12 -2.93
N LYS D 79 -19.06 37.08 -3.60
CA LYS D 79 -19.81 38.16 -4.21
C LYS D 79 -20.34 37.73 -5.58
N VAL D 80 -19.82 36.64 -6.12
CA VAL D 80 -20.16 36.15 -7.47
C VAL D 80 -21.01 34.86 -7.42
N TRP D 81 -20.82 34.07 -6.37
CA TRP D 81 -21.48 32.78 -6.26
C TRP D 81 -22.30 32.53 -4.97
N ASP D 82 -23.48 31.93 -5.12
CA ASP D 82 -24.30 31.38 -4.01
C ASP D 82 -23.39 30.57 -3.08
N GLY D 83 -22.80 29.53 -3.65
CA GLY D 83 -21.84 28.66 -2.98
C GLY D 83 -20.88 28.11 -4.02
N LEU D 84 -20.29 26.96 -3.72
CA LEU D 84 -19.17 26.43 -4.47
C LEU D 84 -19.27 24.94 -4.51
N ASP D 85 -19.05 24.35 -5.68
CA ASP D 85 -19.18 22.92 -5.84
C ASP D 85 -17.90 22.22 -5.76
N ALA D 86 -16.93 22.64 -6.55
CA ALA D 86 -15.61 22.00 -6.43
C ALA D 86 -14.46 22.97 -6.29
N ILE D 87 -13.41 22.51 -5.62
CA ILE D 87 -12.12 23.17 -5.68
C ILE D 87 -11.16 22.15 -6.28
N VAL D 88 -10.48 22.58 -7.34
CA VAL D 88 -9.45 21.78 -7.99
C VAL D 88 -8.12 22.41 -7.67
N HIS D 89 -7.16 21.58 -7.31
CA HIS D 89 -5.91 22.04 -6.72
C HIS D 89 -4.73 21.54 -7.54
N SER D 90 -4.24 22.40 -8.41
CA SER D 90 -3.08 22.05 -9.22
C SER D 90 -1.95 23.03 -8.86
N ILE D 91 -1.43 22.87 -7.66
CA ILE D 91 -0.42 23.78 -7.16
C ILE D 91 0.72 22.99 -6.58
N ALA D 92 1.92 23.35 -7.01
CA ALA D 92 3.12 22.72 -6.51
C ALA D 92 4.27 23.67 -6.74
N PHE D 93 5.25 23.60 -5.84
CA PHE D 93 6.50 24.34 -5.97
C PHE D 93 7.56 23.94 -4.95
N ALA D 94 8.81 23.83 -5.39
CA ALA D 94 10.01 23.79 -4.52
C ALA D 94 11.14 24.66 -5.08
N PRO D 95 11.93 25.28 -4.20
CA PRO D 95 13.08 26.00 -4.75
C PRO D 95 13.97 25.08 -5.61
N ARG D 96 14.60 25.67 -6.63
CA ARG D 96 15.58 24.97 -7.46
C ARG D 96 16.55 24.19 -6.60
N ASP D 97 17.22 24.89 -5.68
CA ASP D 97 18.24 24.25 -4.85
C ASP D 97 17.81 22.89 -4.31
N GLN D 98 16.51 22.71 -4.12
CA GLN D 98 15.93 21.47 -3.59
C GLN D 98 15.93 20.33 -4.57
N LEU D 99 15.97 20.65 -5.86
CA LEU D 99 15.46 19.77 -6.91
C LEU D 99 16.49 19.13 -7.84
N GLU D 100 17.78 19.24 -7.54
CA GLU D 100 18.74 18.78 -8.52
C GLU D 100 20.08 18.35 -7.93
N GLY D 101 20.15 17.06 -7.64
CA GLY D 101 21.34 16.44 -7.08
C GLY D 101 20.92 15.33 -6.12
N ASN D 102 21.88 14.87 -5.33
CA ASN D 102 21.60 13.95 -4.23
C ASN D 102 20.65 14.60 -3.21
N PHE D 103 19.57 13.91 -2.86
CA PHE D 103 18.54 14.49 -1.98
C PHE D 103 19.02 15.04 -0.65
N ILE D 104 19.90 14.33 0.05
CA ILE D 104 20.33 14.90 1.32
C ILE D 104 21.47 15.93 1.17
N ASP D 105 22.11 15.99 0.00
CA ASP D 105 22.99 17.13 -0.37
C ASP D 105 22.14 18.38 -0.52
N CYS D 106 21.00 18.20 -1.20
CA CYS D 106 20.13 19.29 -1.64
C CYS D 106 19.28 19.87 -0.52
N VAL D 107 18.41 19.03 0.03
CA VAL D 107 17.49 19.38 1.10
C VAL D 107 18.06 20.39 2.12
N THR D 108 17.26 21.42 2.41
CA THR D 108 17.53 22.41 3.45
C THR D 108 16.20 22.70 4.16
N ARG D 109 16.28 22.98 5.46
CA ARG D 109 15.09 23.31 6.31
C ARG D 109 14.07 24.20 5.59
N GLU D 110 14.54 25.33 5.07
CA GLU D 110 13.71 26.26 4.32
C GLU D 110 13.04 25.62 3.12
N GLY D 111 13.82 24.95 2.26
CA GLY D 111 13.21 24.27 1.11
C GLY D 111 12.15 23.25 1.49
N PHE D 112 12.38 22.56 2.61
CA PHE D 112 11.48 21.51 3.04
C PHE D 112 10.14 22.11 3.40
N SER D 113 10.17 23.27 4.05
CA SER D 113 8.93 23.84 4.55
C SER D 113 8.26 24.77 3.54
N ILE D 114 9.06 25.48 2.74
CA ILE D 114 8.51 26.09 1.54
C ILE D 114 7.78 25.03 0.71
N ALA D 115 8.49 23.99 0.27
CA ALA D 115 7.86 22.97 -0.60
C ALA D 115 6.62 22.36 0.03
N HIS D 116 6.72 21.94 1.29
CA HIS D 116 5.55 21.44 2.01
C HIS D 116 4.43 22.48 2.11
N ASP D 117 4.78 23.73 2.39
CA ASP D 117 3.77 24.77 2.54
C ASP D 117 2.97 25.03 1.25
N ILE D 118 3.65 25.30 0.14
CA ILE D 118 2.95 25.56 -1.12
C ILE D 118 2.28 24.30 -1.69
N SER D 119 2.89 23.13 -1.49
CA SER D 119 2.48 21.91 -2.18
C SER D 119 1.52 21.02 -1.42
N ALA D 120 1.41 21.21 -0.11
CA ALA D 120 0.63 20.29 0.72
C ALA D 120 -0.39 21.00 1.59
N TYR D 121 0.08 21.85 2.48
CA TYR D 121 -0.82 22.56 3.36
C TYR D 121 -1.82 23.40 2.60
N SER D 122 -1.37 24.07 1.54
CA SER D 122 -2.26 24.99 0.83
C SER D 122 -3.61 24.36 0.49
N PHE D 123 -3.60 23.05 0.21
CA PHE D 123 -4.83 22.29 -0.07
C PHE D 123 -5.82 22.32 1.08
N ALA D 124 -5.33 21.98 2.28
CA ALA D 124 -6.12 22.08 3.51
C ALA D 124 -6.59 23.52 3.74
N ALA D 125 -5.66 24.47 3.61
CA ALA D 125 -5.97 25.87 3.80
C ALA D 125 -7.13 26.29 2.90
N LEU D 126 -7.19 25.69 1.70
CA LEU D 126 -8.27 25.97 0.76
C LEU D 126 -9.56 25.35 1.25
N ALA D 127 -9.46 24.10 1.70
CA ALA D 127 -10.62 23.38 2.24
C ALA D 127 -11.26 24.16 3.39
N LYS D 128 -10.42 24.69 4.28
CA LYS D 128 -10.83 25.51 5.41
C LYS D 128 -11.69 26.70 5.03
N GLU D 129 -11.32 27.37 3.95
CA GLU D 129 -11.88 28.69 3.67
C GLU D 129 -12.99 28.63 2.66
N GLY D 130 -13.06 27.52 1.91
CA GLY D 130 -14.17 27.25 0.98
C GLY D 130 -15.24 26.31 1.53
N ARG D 131 -14.96 25.77 2.72
CA ARG D 131 -15.83 24.79 3.36
C ARG D 131 -17.25 25.31 3.48
N SER D 132 -17.38 26.49 4.09
CA SER D 132 -18.68 27.04 4.48
C SER D 132 -19.60 27.18 3.29
N MET D 133 -19.02 27.27 2.09
CA MET D 133 -19.86 27.41 0.91
C MET D 133 -20.02 26.13 0.13
N MET D 134 -19.46 25.05 0.67
CA MET D 134 -19.48 23.72 0.04
C MET D 134 -20.37 22.66 0.72
N LYS D 135 -21.05 23.02 1.81
CA LYS D 135 -21.82 22.06 2.61
C LYS D 135 -23.06 21.47 1.93
N ASN D 136 -23.19 20.14 2.01
CA ASN D 136 -24.37 19.36 1.60
C ASN D 136 -24.83 19.58 0.18
N ARG D 137 -24.00 19.28 -0.79
CA ARG D 137 -24.33 19.56 -2.16
C ARG D 137 -23.59 18.58 -3.04
N ASN D 138 -23.18 17.47 -2.44
CA ASN D 138 -22.26 16.54 -3.08
C ASN D 138 -20.99 17.20 -3.59
N ALA D 139 -20.53 18.22 -2.87
CA ALA D 139 -19.33 18.99 -3.23
C ALA D 139 -18.07 18.11 -3.30
N SER D 140 -17.12 18.54 -4.11
CA SER D 140 -15.95 17.70 -4.40
C SER D 140 -14.72 18.55 -4.29
N MET D 141 -13.59 17.92 -3.97
CA MET D 141 -12.27 18.57 -4.01
C MET D 141 -11.26 17.58 -4.60
N VAL D 142 -10.38 18.07 -5.48
CA VAL D 142 -9.37 17.22 -6.11
C VAL D 142 -8.01 17.88 -6.06
N ALA D 143 -6.98 17.08 -5.79
CA ALA D 143 -5.56 17.51 -5.87
C ALA D 143 -4.79 16.83 -7.00
N LEU D 144 -3.81 17.54 -7.52
CA LEU D 144 -2.90 16.91 -8.47
C LEU D 144 -1.55 16.41 -7.85
N THR D 145 -1.35 15.09 -7.89
CA THR D 145 -0.22 14.47 -7.23
C THR D 145 0.57 13.60 -8.21
N TYR D 146 1.62 12.95 -7.72
CA TYR D 146 2.56 12.24 -8.57
C TYR D 146 3.33 11.11 -7.84
N ILE D 147 3.57 10.01 -8.54
CA ILE D 147 4.18 8.81 -7.95
C ILE D 147 5.48 9.01 -7.11
N GLY D 148 6.14 10.15 -7.26
CA GLY D 148 7.30 10.48 -6.41
C GLY D 148 6.88 10.58 -4.94
N ALA D 149 5.57 10.65 -4.71
CA ALA D 149 5.04 10.54 -3.38
C ALA D 149 5.22 9.11 -2.86
N GLU D 150 4.84 8.13 -3.68
CA GLU D 150 4.81 6.73 -3.24
C GLU D 150 6.18 6.09 -3.23
N LYS D 151 7.02 6.50 -4.15
CA LYS D 151 8.28 5.81 -4.43
C LYS D 151 9.36 6.86 -4.54
N ALA D 152 10.56 6.53 -4.03
CA ALA D 152 11.71 7.41 -4.13
C ALA D 152 12.27 7.40 -5.57
N MET D 153 12.63 8.58 -6.08
CA MET D 153 13.14 8.69 -7.44
C MET D 153 14.33 9.63 -7.41
N PRO D 154 15.18 9.62 -8.46
CA PRO D 154 16.23 10.62 -8.42
C PRO D 154 15.70 12.02 -8.74
N SER D 155 16.45 13.01 -8.27
CA SER D 155 16.18 14.43 -8.41
C SER D 155 14.75 14.95 -8.21
N TYR D 156 13.76 14.09 -7.99
CA TYR D 156 12.44 14.63 -7.61
C TYR D 156 12.48 15.16 -6.19
N ASN D 157 13.29 14.50 -5.36
CA ASN D 157 13.78 15.04 -4.09
C ASN D 157 12.70 15.57 -3.17
N THR D 158 12.98 16.71 -2.54
CA THR D 158 12.06 17.38 -1.62
C THR D 158 10.65 17.50 -2.17
N MET D 159 10.52 17.49 -3.50
CA MET D 159 9.20 17.55 -4.10
C MET D 159 8.39 16.26 -3.87
N GLY D 160 9.08 15.11 -3.86
CA GLY D 160 8.46 13.80 -3.64
C GLY D 160 7.94 13.67 -2.22
N VAL D 161 8.76 14.16 -1.28
CA VAL D 161 8.40 14.24 0.13
C VAL D 161 7.17 15.11 0.22
N ALA D 162 7.25 16.36 -0.26
CA ALA D 162 6.07 17.24 -0.25
C ALA D 162 4.79 16.59 -0.86
N LYS D 163 4.96 15.78 -1.90
CA LYS D 163 3.82 15.11 -2.48
C LYS D 163 3.22 14.06 -1.55
N ALA D 164 4.09 13.31 -0.87
CA ALA D 164 3.61 12.34 0.10
C ALA D 164 2.82 13.10 1.13
N SER D 165 3.31 14.28 1.50
CA SER D 165 2.63 15.15 2.45
C SER D 165 1.24 15.53 1.99
N LEU D 166 1.11 15.91 0.73
CA LEU D 166 -0.20 16.18 0.11
C LEU D 166 -1.18 14.99 0.23
N GLU D 167 -0.73 13.82 -0.22
CA GLU D 167 -1.54 12.62 -0.18
C GLU D 167 -2.10 12.34 1.19
N ALA D 168 -1.29 12.56 2.22
CA ALA D 168 -1.72 12.35 3.60
C ALA D 168 -2.84 13.33 3.93
N THR D 169 -2.61 14.55 3.46
CA THR D 169 -3.51 15.66 3.67
C THR D 169 -4.84 15.43 2.96
N VAL D 170 -4.83 14.78 1.80
CA VAL D 170 -6.08 14.43 1.14
C VAL D 170 -6.90 13.51 2.05
N ARG D 171 -6.25 12.47 2.58
CA ARG D 171 -6.93 11.48 3.42
C ARG D 171 -7.57 12.13 4.65
N TYR D 172 -6.85 13.05 5.31
CA TYR D 172 -7.37 13.71 6.51
C TYR D 172 -8.46 14.68 6.17
N THR D 173 -8.32 15.34 5.04
CA THR D 173 -9.37 16.22 4.59
C THR D 173 -10.63 15.41 4.24
N ALA D 174 -10.44 14.24 3.62
CA ALA D 174 -11.54 13.32 3.24
C ALA D 174 -12.43 12.98 4.44
N LEU D 175 -11.77 12.80 5.58
CA LEU D 175 -12.42 12.45 6.83
C LEU D 175 -13.01 13.67 7.52
N ALA D 176 -12.32 14.81 7.42
CA ALA D 176 -12.78 16.03 8.06
C ALA D 176 -14.01 16.57 7.36
N LEU D 177 -14.05 16.42 6.03
CA LEU D 177 -15.09 17.01 5.20
C LEU D 177 -16.23 16.07 4.80
N GLY D 178 -16.15 14.83 5.27
CA GLY D 178 -17.13 13.80 4.90
C GLY D 178 -18.53 14.09 5.41
N GLU D 179 -18.62 14.43 6.69
CA GLU D 179 -19.89 14.82 7.32
C GLU D 179 -20.60 15.87 6.47
N ASP D 180 -19.83 16.75 5.85
CA ASP D 180 -20.41 17.83 5.06
C ASP D 180 -20.77 17.37 3.65
N GLY D 181 -20.42 16.12 3.36
CA GLY D 181 -20.74 15.44 2.10
C GLY D 181 -19.82 15.82 0.97
N ILE D 182 -18.63 16.32 1.32
CA ILE D 182 -17.64 16.84 0.37
C ILE D 182 -16.64 15.74 0.05
N LYS D 183 -16.52 15.34 -1.20
CA LYS D 183 -15.51 14.31 -1.45
C LYS D 183 -14.14 14.91 -1.65
N VAL D 184 -13.12 14.19 -1.19
CA VAL D 184 -11.74 14.60 -1.39
C VAL D 184 -10.92 13.47 -1.96
N ASN D 185 -10.32 13.75 -3.11
CA ASN D 185 -9.57 12.76 -3.87
C ASN D 185 -8.41 13.38 -4.62
N ALA D 186 -7.51 12.55 -5.13
CA ALA D 186 -6.35 13.03 -5.86
C ALA D 186 -6.16 12.29 -7.15
N VAL D 187 -5.71 13.00 -8.19
CA VAL D 187 -5.29 12.37 -9.42
C VAL D 187 -3.76 12.44 -9.48
N SER D 188 -3.16 11.28 -9.71
CA SER D 188 -1.73 11.10 -9.87
C SER D 188 -1.44 11.00 -11.36
N ALA D 189 -0.83 12.04 -11.90
CA ALA D 189 -0.57 12.11 -13.34
C ALA D 189 0.77 11.47 -13.63
N GLY D 190 1.01 11.18 -14.89
CA GLY D 190 2.34 10.77 -15.31
C GLY D 190 2.91 12.01 -15.97
N PRO D 191 4.21 11.98 -16.32
CA PRO D 191 4.78 13.19 -16.89
C PRO D 191 4.16 13.48 -18.27
N ILE D 192 4.17 14.74 -18.69
CA ILE D 192 3.33 15.23 -19.81
C ILE D 192 4.01 15.49 -21.17
N LYS D 205 13.07 15.07 -18.47
CA LYS D 205 12.85 14.56 -19.83
C LYS D 205 12.67 13.04 -19.82
N MET D 206 12.26 12.52 -18.66
CA MET D 206 12.17 11.06 -18.43
C MET D 206 10.81 10.40 -18.52
N LEU D 207 9.98 11.02 -19.36
CA LEU D 207 8.74 10.47 -19.83
C LEU D 207 9.01 9.38 -20.86
N ASP D 208 10.20 9.41 -21.44
CA ASP D 208 10.62 8.31 -22.29
C ASP D 208 10.46 7.02 -21.50
N TYR D 209 11.18 6.88 -20.39
CA TYR D 209 11.09 5.66 -19.59
C TYR D 209 9.63 5.28 -19.48
N ASN D 210 8.81 6.20 -18.99
CA ASN D 210 7.39 5.91 -18.82
C ASN D 210 6.82 5.26 -20.09
N ALA D 211 6.86 5.98 -21.21
CA ALA D 211 6.33 5.46 -22.47
C ALA D 211 6.81 4.04 -22.83
N MET D 212 8.02 3.67 -22.41
CA MET D 212 8.55 2.35 -22.78
C MET D 212 8.03 1.25 -21.85
N VAL D 213 7.95 1.56 -20.55
CA VAL D 213 7.64 0.54 -19.54
C VAL D 213 6.18 0.36 -19.31
N SER D 214 5.44 1.47 -19.26
CA SER D 214 4.04 1.41 -18.85
C SER D 214 3.21 0.72 -19.91
N PRO D 215 2.27 -0.15 -19.46
CA PRO D 215 1.52 -1.11 -20.27
C PRO D 215 0.83 -0.55 -21.51
N LEU D 216 0.43 0.71 -21.44
CA LEU D 216 -0.26 1.33 -22.55
C LEU D 216 0.67 1.99 -23.56
N LYS D 217 1.96 1.84 -23.30
CA LYS D 217 3.03 2.26 -24.21
C LYS D 217 2.97 3.72 -24.70
N LYS D 218 2.90 4.64 -23.75
CA LYS D 218 2.75 6.04 -24.07
C LYS D 218 2.83 6.92 -22.83
N ASN D 219 3.05 8.22 -23.05
CA ASN D 219 2.80 9.19 -22.02
C ASN D 219 1.33 9.54 -22.13
N VAL D 220 0.74 10.04 -21.04
CA VAL D 220 -0.66 10.49 -21.03
C VAL D 220 -0.74 11.96 -21.45
N ASP D 221 -1.96 12.46 -21.72
CA ASP D 221 -2.14 13.84 -22.13
C ASP D 221 -3.10 14.57 -21.20
N ILE D 222 -3.12 15.90 -21.32
CA ILE D 222 -3.87 16.78 -20.41
C ILE D 222 -5.35 16.51 -20.43
N MET D 223 -5.86 15.94 -21.53
CA MET D 223 -7.28 15.61 -21.65
C MET D 223 -7.68 14.39 -20.82
N GLU D 224 -6.81 13.37 -20.81
CA GLU D 224 -7.06 12.15 -20.03
C GLU D 224 -7.11 12.49 -18.54
N VAL D 225 -6.11 13.22 -18.05
CA VAL D 225 -6.14 13.72 -16.67
C VAL D 225 -7.33 14.69 -16.50
N GLY D 226 -7.41 15.69 -17.35
CA GLY D 226 -8.51 16.63 -17.29
C GLY D 226 -9.88 15.97 -17.11
N ASN D 227 -10.19 14.95 -17.91
CA ASN D 227 -11.43 14.20 -17.73
C ASN D 227 -11.58 13.46 -16.39
N THR D 228 -10.49 12.87 -15.90
CA THR D 228 -10.56 12.19 -14.62
C THR D 228 -10.94 13.18 -13.51
N VAL D 229 -10.26 14.31 -13.47
CA VAL D 229 -10.55 15.34 -12.48
C VAL D 229 -12.01 15.78 -12.62
N ALA D 230 -12.49 15.93 -13.85
CA ALA D 230 -13.89 16.30 -14.08
C ALA D 230 -14.82 15.24 -13.51
N PHE D 231 -14.59 13.98 -13.88
CA PHE D 231 -15.42 12.88 -13.43
C PHE D 231 -15.52 12.87 -11.92
N LEU D 232 -14.38 13.12 -11.27
CA LEU D 232 -14.28 13.16 -9.82
C LEU D 232 -14.97 14.36 -9.13
N CYS D 233 -15.54 15.27 -9.91
CA CYS D 233 -16.31 16.37 -9.35
C CYS D 233 -17.78 16.26 -9.71
N SER D 234 -18.19 15.08 -10.20
CA SER D 234 -19.56 14.82 -10.65
C SER D 234 -20.32 13.99 -9.64
N ASP D 235 -21.59 13.71 -9.93
CA ASP D 235 -22.45 12.95 -9.03
C ASP D 235 -22.24 11.45 -9.16
N MET D 236 -21.60 11.06 -10.26
CA MET D 236 -21.18 9.68 -10.49
C MET D 236 -20.11 9.18 -9.51
N ALA D 237 -19.33 10.11 -8.94
CA ALA D 237 -18.19 9.73 -8.14
C ALA D 237 -18.42 9.94 -6.62
N THR D 238 -19.68 9.90 -6.21
CA THR D 238 -20.06 10.27 -4.84
C THR D 238 -19.81 9.15 -3.86
N GLY D 239 -19.37 8.01 -4.37
CA GLY D 239 -18.98 6.88 -3.53
C GLY D 239 -17.48 6.84 -3.25
N ILE D 240 -16.74 7.73 -3.90
CA ILE D 240 -15.28 7.71 -3.82
C ILE D 240 -14.77 8.89 -3.04
N THR D 241 -13.88 8.63 -2.09
CA THR D 241 -13.20 9.69 -1.38
C THR D 241 -11.97 9.15 -0.66
N GLY D 242 -10.93 9.98 -0.59
CA GLY D 242 -9.65 9.62 0.05
C GLY D 242 -8.78 8.79 -0.88
N GLU D 243 -9.12 8.83 -2.17
CA GLU D 243 -8.52 7.92 -3.12
C GLU D 243 -7.52 8.60 -4.07
N VAL D 244 -6.41 7.92 -4.36
CA VAL D 244 -5.49 8.32 -5.42
C VAL D 244 -5.79 7.55 -6.73
N VAL D 245 -6.26 8.23 -7.76
CA VAL D 245 -6.44 7.60 -9.06
C VAL D 245 -5.20 7.91 -9.89
N HIS D 246 -4.52 6.88 -10.41
CA HIS D 246 -3.40 7.10 -11.34
C HIS D 246 -3.82 7.23 -12.79
N VAL D 247 -3.49 8.35 -13.41
CA VAL D 247 -3.76 8.56 -14.83
C VAL D 247 -2.37 8.59 -15.52
N ASP D 248 -1.75 7.40 -15.63
CA ASP D 248 -0.34 7.31 -15.95
C ASP D 248 -0.03 6.15 -16.90
N ALA D 249 -0.95 5.92 -17.82
CA ALA D 249 -0.77 4.89 -18.84
C ALA D 249 -0.53 3.52 -18.23
N GLY D 250 -0.59 3.43 -16.90
CA GLY D 250 -0.40 2.17 -16.21
C GLY D 250 0.88 2.06 -15.40
N TYR D 251 1.81 2.97 -15.62
CA TYR D 251 3.13 3.00 -14.96
C TYR D 251 3.15 2.51 -13.50
N HIS D 252 2.14 2.92 -12.74
CA HIS D 252 2.06 2.67 -11.30
C HIS D 252 2.06 1.20 -10.87
N CYS D 253 1.56 0.31 -11.73
CA CYS D 253 1.27 -1.06 -11.32
C CYS D 253 2.23 -2.07 -11.92
N VAL D 254 3.38 -1.54 -12.33
CA VAL D 254 4.40 -2.27 -13.03
C VAL D 254 5.75 -2.11 -12.31
N SER D 255 6.61 -3.12 -12.44
CA SER D 255 7.97 -3.02 -11.92
C SER D 255 8.93 -3.81 -12.76
N MET D 256 9.24 -3.25 -13.92
CA MET D 256 10.40 -3.61 -14.71
C MET D 256 11.52 -2.73 -14.16
N GLY D 257 12.75 -3.01 -14.57
CA GLY D 257 13.86 -2.14 -14.28
C GLY D 257 14.35 -1.60 -15.61
N ASN D 258 15.51 -2.10 -16.03
CA ASN D 258 16.13 -1.69 -17.27
C ASN D 258 15.24 -1.91 -18.49
N VAL D 259 15.32 -0.97 -19.43
CA VAL D 259 14.77 -1.10 -20.76
C VAL D 259 15.90 -0.72 -21.72
N LEU D 260 15.82 -1.17 -22.97
CA LEU D 260 16.75 -0.71 -24.01
C LEU D 260 16.02 -0.24 -25.29
PA NAD E . 3.81 23.05 -12.53
O1A NAD E . 5.28 23.66 -12.91
O2A NAD E . 3.96 21.91 -11.57
O5B NAD E . 2.92 24.31 -12.02
C5B NAD E . 2.69 24.56 -10.64
C4B NAD E . 1.52 25.51 -10.51
O4B NAD E . 1.57 26.01 -9.16
C3B NAD E . 1.77 26.70 -11.44
O3B NAD E . 0.66 26.88 -12.31
C2B NAD E . 1.89 27.89 -10.50
O2B NAD E . 1.22 29.01 -11.07
C1B NAD E . 1.19 27.38 -9.24
N9A NAD E . 1.74 27.94 -8.02
C8A NAD E . 2.99 27.75 -7.60
N7A NAD E . 3.17 28.38 -6.44
C5A NAD E . 2.03 28.97 -6.12
C6A NAD E . 1.63 29.75 -5.04
N6A NAD E . 2.51 30.04 -4.08
N1A NAD E . 0.36 30.21 -5.00
C2A NAD E . -0.50 29.91 -5.97
N3A NAD E . -0.15 29.17 -7.00
C4A NAD E . 1.10 28.68 -7.11
O3 NAD E . 3.00 22.65 -13.95
PN NAD E . 1.69 21.65 -14.18
O1N NAD E . 0.79 22.28 -15.15
O2N NAD E . 2.24 20.32 -14.51
O5D NAD E . 0.81 21.64 -12.85
C5D NAD E . 1.26 21.43 -11.51
C4D NAD E . 0.86 20.05 -11.01
O4D NAD E . 1.40 19.13 -11.95
C3D NAD E . 1.69 19.85 -9.78
O3D NAD E . 0.76 19.86 -8.70
C2D NAD E . 2.32 18.46 -9.98
O2D NAD E . 1.97 17.60 -8.91
C1D NAD E . 1.62 17.92 -11.21
N1N NAD E . 2.31 17.00 -12.17
C2N NAD E . 2.83 17.53 -13.38
C3N NAD E . 3.47 16.74 -14.33
C7N NAD E . 4.00 17.37 -15.64
O7N NAD E . 4.31 16.68 -16.60
N7N NAD E . 4.06 18.70 -15.67
C4N NAD E . 3.59 15.37 -14.06
C5N NAD E . 3.08 14.81 -12.88
C6N NAD E . 2.42 15.61 -11.92
#